data_5IOQ
#
_entry.id   5IOQ
#
_cell.length_a   54.190
_cell.length_b   116.113
_cell.length_c   141.891
_cell.angle_alpha   90.00
_cell.angle_beta   90.00
_cell.angle_gamma   90.00
#
_symmetry.space_group_name_H-M   'P 21 21 21'
#
loop_
_entity.id
_entity.type
_entity.pdbx_description
1 polymer 'Thymidylate synthase ThyX'
2 non-polymer 'FLAVIN-ADENINE DINUCLEOTIDE'
3 non-polymer 'TRIETHYLENE GLYCOL'
4 non-polymer "2'-DEOXYURIDINE"
5 water water
#
_entity_poly.entity_id   1
_entity_poly.type   'polypeptide(L)'
_entity_poly.pdbx_seq_one_letter_code
;MGSDKIHHHHHHMKIDILDKGFVELVDVMGNDLSAVRAARVSFDMGLKDEERDRHLIEYLMKHGHETPFEHIVFTFHVKA
PIFVARQWFRHRIASYNELSGRYSKLSYEFYIPSPERLEGYKTTIPPERVTEKISEIVDKAYRTYLELIESGVPREVARI
VLPLNLYTRFFWTVNARSLMNFLNLRADSHAQWEIQQYALAIARIFKEKCPWTFEAFLKYAYKGDILKEVQV
;
_entity_poly.pdbx_strand_id   A,B,C,D
#
# COMPACT_ATOMS: atom_id res chain seq x y z
N HIS A 12 24.82 -3.85 -13.10
CA HIS A 12 25.58 -4.03 -11.84
C HIS A 12 26.53 -2.86 -11.54
N MET A 13 26.42 -2.30 -10.33
CA MET A 13 27.13 -1.09 -9.92
C MET A 13 27.19 -1.22 -8.42
N LYS A 14 28.28 -0.80 -7.79
CA LYS A 14 28.43 -0.88 -6.38
C LYS A 14 29.13 0.37 -5.89
N ILE A 15 28.52 1.08 -4.95
CA ILE A 15 29.10 2.26 -4.38
C ILE A 15 29.34 2.06 -2.91
N ASP A 16 30.56 2.32 -2.46
CA ASP A 16 30.88 2.27 -1.04
C ASP A 16 30.42 3.51 -0.29
N ILE A 17 29.94 3.31 0.93
CA ILE A 17 29.33 4.37 1.73
C ILE A 17 29.80 4.21 3.16
N LEU A 18 30.05 5.33 3.83
CA LEU A 18 30.52 5.33 5.20
C LEU A 18 31.81 4.52 5.26
N ASP A 19 32.12 3.85 6.37
CA ASP A 19 33.38 3.10 6.45
C ASP A 19 33.34 1.70 5.90
N LYS A 20 32.20 1.02 6.01
CA LYS A 20 32.09 -0.38 5.54
C LYS A 20 30.78 -0.68 4.78
N GLY A 21 30.00 0.34 4.51
CA GLY A 21 28.69 0.17 3.88
C GLY A 21 28.79 0.19 2.39
N PHE A 22 27.67 -0.14 1.75
CA PHE A 22 27.59 -0.06 0.31
C PHE A 22 26.16 -0.07 -0.15
N VAL A 23 26.01 0.34 -1.40
CA VAL A 23 24.78 0.14 -2.15
C VAL A 23 25.21 -0.51 -3.45
N GLU A 24 24.59 -1.64 -3.76
CA GLU A 24 24.87 -2.40 -4.93
C GLU A 24 23.56 -2.55 -5.73
N LEU A 25 23.61 -2.31 -7.03
CA LEU A 25 22.48 -2.58 -7.91
C LEU A 25 22.43 -4.06 -8.29
N VAL A 26 21.32 -4.70 -7.97
CA VAL A 26 21.14 -6.11 -8.25
C VAL A 26 20.44 -6.32 -9.58
N ASP A 27 19.41 -5.51 -9.87
CA ASP A 27 18.61 -5.69 -11.05
C ASP A 27 17.77 -4.43 -11.30
N VAL A 28 17.31 -4.29 -12.54
CA VAL A 28 16.48 -3.17 -12.94
C VAL A 28 15.53 -3.67 -13.99
N MET A 29 14.27 -3.31 -13.87
CA MET A 29 13.30 -3.57 -14.93
C MET A 29 12.97 -2.26 -15.57
N GLY A 30 13.25 -2.18 -16.85
CA GLY A 30 12.87 -1.06 -17.68
C GLY A 30 13.86 0.08 -17.67
N ASN A 31 13.43 1.19 -18.26
CA ASN A 31 14.27 2.36 -18.37
C ASN A 31 13.32 3.51 -18.57
N ASP A 32 13.83 4.66 -19.00
CA ASP A 32 12.96 5.83 -19.23
C ASP A 32 11.79 5.52 -20.16
N LEU A 33 12.03 4.70 -21.19
CA LEU A 33 10.98 4.42 -22.16
C LEU A 33 9.84 3.55 -21.59
N SER A 34 10.10 2.83 -20.49
CA SER A 34 9.04 2.06 -19.82
C SER A 34 7.95 2.98 -19.32
N ALA A 35 8.35 4.15 -18.84
CA ALA A 35 7.40 5.13 -18.37
C ALA A 35 6.62 5.72 -19.55
N VAL A 36 7.31 5.99 -20.65
CA VAL A 36 6.68 6.51 -21.83
C VAL A 36 5.63 5.52 -22.36
N ARG A 37 6.01 4.25 -22.45
CA ARG A 37 5.13 3.22 -22.94
C ARG A 37 3.88 3.08 -22.08
N ALA A 38 4.08 3.07 -20.76
CA ALA A 38 2.97 2.98 -19.82
C ALA A 38 2.05 4.20 -19.94
N ALA A 39 2.61 5.41 -20.04
CA ALA A 39 1.81 6.63 -20.20
C ALA A 39 0.95 6.64 -21.45
N ARG A 40 1.53 6.19 -22.56
CA ARG A 40 0.80 6.06 -23.81
C ARG A 40 -0.01 4.76 -23.91
N VAL A 41 0.19 3.83 -23.00
CA VAL A 41 -0.36 2.45 -23.10
C VAL A 41 -0.06 1.84 -24.48
N SER A 42 1.21 1.83 -24.88
CA SER A 42 1.57 1.27 -26.16
C SER A 42 2.88 0.45 -26.02
N PHE A 43 2.86 -0.80 -26.52
CA PHE A 43 4.05 -1.66 -26.52
C PHE A 43 4.84 -1.54 -27.83
N GLU A 50 12.56 10.24 -30.24
CA GLU A 50 13.38 10.56 -29.06
C GLU A 50 13.03 11.90 -28.43
N GLU A 51 12.92 12.93 -29.26
CA GLU A 51 12.57 14.27 -28.79
C GLU A 51 11.19 14.30 -28.18
N ARG A 52 10.25 13.61 -28.81
CA ARG A 52 8.89 13.60 -28.32
C ARG A 52 8.80 12.76 -27.01
N ASP A 53 9.57 11.68 -26.93
CA ASP A 53 9.61 10.81 -25.75
C ASP A 53 10.22 11.52 -24.53
N ARG A 54 11.35 12.18 -24.74
CA ARG A 54 11.95 12.98 -23.70
C ARG A 54 11.04 14.14 -23.28
N HIS A 55 10.32 14.75 -24.23
CA HIS A 55 9.36 15.81 -23.91
C HIS A 55 8.20 15.28 -23.06
N LEU A 56 7.75 14.06 -23.35
CA LEU A 56 6.70 13.45 -22.54
C LEU A 56 7.16 13.22 -21.08
N ILE A 57 8.37 12.75 -20.90
CA ILE A 57 8.87 12.54 -19.54
C ILE A 57 8.88 13.83 -18.74
N GLU A 58 9.35 14.91 -19.36
CA GLU A 58 9.32 16.21 -18.70
C GLU A 58 7.91 16.64 -18.38
N TYR A 59 7.00 16.43 -19.33
CA TYR A 59 5.60 16.80 -19.17
C TYR A 59 4.97 16.10 -17.94
N LEU A 60 5.20 14.78 -17.86
CA LEU A 60 4.64 14.00 -16.76
C LEU A 60 5.19 14.51 -15.43
N MET A 61 6.49 14.76 -15.40
CA MET A 61 7.15 15.20 -14.18
C MET A 61 6.64 16.59 -13.75
N LYS A 62 6.59 17.52 -14.68
CA LYS A 62 6.18 18.87 -14.30
C LYS A 62 4.74 18.94 -13.86
N HIS A 63 3.85 18.12 -14.41
CA HIS A 63 2.46 18.14 -13.99
C HIS A 63 2.11 17.16 -12.88
N GLY A 64 3.10 16.45 -12.35
CA GLY A 64 2.82 15.53 -11.28
C GLY A 64 2.11 14.24 -11.72
N HIS A 65 2.22 13.86 -12.99
CA HIS A 65 1.60 12.60 -13.47
C HIS A 65 2.59 11.48 -13.24
N GLU A 66 2.61 10.97 -12.04
CA GLU A 66 3.72 10.15 -11.57
C GLU A 66 3.50 8.66 -11.77
N THR A 67 2.27 8.22 -12.01
CA THR A 67 2.02 6.78 -12.06
C THR A 67 2.82 6.03 -13.15
N PRO A 68 3.09 6.66 -14.30
CA PRO A 68 3.91 5.95 -15.28
C PRO A 68 5.29 5.52 -14.78
N PHE A 69 5.83 6.26 -13.83
CA PHE A 69 7.14 5.94 -13.28
C PHE A 69 7.13 4.71 -12.37
N GLU A 70 5.96 4.26 -11.97
CA GLU A 70 5.87 3.03 -11.20
C GLU A 70 6.26 1.80 -12.00
N HIS A 71 6.33 1.93 -13.33
CA HIS A 71 6.63 0.77 -14.16
C HIS A 71 8.14 0.61 -14.39
N ILE A 72 8.94 1.44 -13.74
CA ILE A 72 10.39 1.28 -13.66
C ILE A 72 10.72 0.78 -12.27
N VAL A 73 11.44 -0.35 -12.15
CA VAL A 73 11.66 -0.99 -10.85
C VAL A 73 13.14 -1.36 -10.69
N PHE A 74 13.66 -1.12 -9.47
CA PHE A 74 15.04 -1.45 -9.10
C PHE A 74 15.10 -2.45 -7.96
N THR A 75 16.11 -3.32 -7.96
CA THR A 75 16.50 -4.07 -6.80
C THR A 75 17.92 -3.68 -6.39
N PHE A 76 18.06 -3.25 -5.15
CA PHE A 76 19.34 -2.93 -4.56
C PHE A 76 19.67 -3.92 -3.44
N HIS A 77 20.97 -4.08 -3.21
CA HIS A 77 21.52 -4.76 -2.05
C HIS A 77 22.31 -3.73 -1.27
N VAL A 78 21.89 -3.50 -0.01
CA VAL A 78 22.39 -2.42 0.81
C VAL A 78 23.00 -2.98 2.11
N LYS A 79 24.15 -2.42 2.47
CA LYS A 79 24.80 -2.71 3.72
C LYS A 79 24.90 -1.39 4.44
N ALA A 80 24.20 -1.30 5.57
CA ALA A 80 24.07 -0.06 6.30
C ALA A 80 23.91 -0.31 7.79
N PRO A 81 24.25 0.68 8.61
CA PRO A 81 24.07 0.51 10.04
C PRO A 81 22.58 0.46 10.38
N ILE A 82 22.24 -0.26 11.45
CA ILE A 82 20.86 -0.38 11.85
C ILE A 82 20.16 0.96 12.00
N PHE A 83 20.80 1.97 12.57
CA PHE A 83 20.08 3.25 12.74
C PHE A 83 19.68 3.88 11.40
N VAL A 84 20.50 3.65 10.36
CA VAL A 84 20.18 4.11 9.02
C VAL A 84 19.06 3.22 8.45
N ALA A 85 19.19 1.91 8.63
CA ALA A 85 18.17 1.00 8.14
C ALA A 85 16.79 1.27 8.74
N ARG A 86 16.73 1.65 10.02
CA ARG A 86 15.45 1.95 10.65
C ARG A 86 14.77 3.12 9.96
N GLN A 87 15.55 4.14 9.56
CA GLN A 87 14.99 5.29 8.82
C GLN A 87 14.51 4.85 7.42
N TRP A 88 15.36 4.07 6.77
CA TRP A 88 15.09 3.59 5.43
C TRP A 88 13.81 2.75 5.38
N PHE A 89 13.67 1.83 6.34
CA PHE A 89 12.54 0.90 6.36
C PHE A 89 11.23 1.59 6.67
N ARG A 90 11.25 2.88 7.03
CA ARG A 90 9.99 3.63 7.15
C ARG A 90 9.30 3.85 5.79
N HIS A 91 10.04 3.66 4.72
CA HIS A 91 9.46 3.76 3.35
C HIS A 91 8.69 2.50 2.99
N ARG A 92 7.38 2.58 3.21
CA ARG A 92 6.53 1.40 3.18
C ARG A 92 6.22 0.92 1.77
N ILE A 93 6.34 1.80 0.79
CA ILE A 93 5.98 1.42 -0.58
C ILE A 93 7.25 0.91 -1.26
N ALA A 94 7.59 -0.32 -0.88
CA ALA A 94 8.79 -1.00 -1.32
C ALA A 94 8.80 -2.38 -0.67
N SER A 95 9.75 -3.20 -1.08
CA SER A 95 9.90 -4.56 -0.55
C SER A 95 11.28 -4.72 0.03
N TYR A 96 11.35 -5.41 1.18
CA TYR A 96 12.58 -5.53 1.92
C TYR A 96 12.79 -6.97 2.32
N ASN A 97 14.03 -7.40 2.28
CA ASN A 97 14.43 -8.66 2.96
C ASN A 97 15.77 -8.45 3.58
N GLU A 98 15.83 -8.67 4.88
CA GLU A 98 16.99 -8.34 5.69
C GLU A 98 17.56 -9.59 6.32
N LEU A 99 18.86 -9.57 6.58
CA LEU A 99 19.49 -10.62 7.40
C LEU A 99 18.76 -10.78 8.76
N SER A 100 18.60 -12.01 9.21
CA SER A 100 17.86 -12.34 10.45
C SER A 100 18.74 -12.19 11.66
N GLY A 101 18.38 -11.28 12.56
CA GLY A 101 19.10 -11.14 13.82
C GLY A 101 18.97 -12.37 14.70
N ARG A 102 17.92 -13.15 14.46
CA ARG A 102 17.63 -14.32 15.25
C ARG A 102 18.40 -15.53 14.76
N TYR A 103 18.62 -15.62 13.44
CA TYR A 103 19.15 -16.83 12.82
C TYR A 103 20.35 -16.67 11.89
N SER A 104 20.61 -15.47 11.39
CA SER A 104 21.64 -15.31 10.35
C SER A 104 23.01 -15.17 10.97
N LYS A 105 24.01 -15.68 10.27
CA LYS A 105 25.41 -15.38 10.50
C LYS A 105 25.66 -13.89 10.16
N LEU A 106 26.32 -13.15 11.05
CA LEU A 106 26.67 -11.75 10.76
C LEU A 106 28.18 -11.61 10.70
N SER A 107 28.64 -10.52 10.10
CA SER A 107 30.05 -10.20 10.02
C SER A 107 30.49 -9.40 11.24
N TYR A 108 29.52 -8.86 11.98
CA TYR A 108 29.81 -8.01 13.12
C TYR A 108 30.82 -6.88 12.83
N GLU A 109 30.37 -5.94 12.01
CA GLU A 109 31.08 -4.71 11.75
C GLU A 109 30.19 -3.56 12.18
N PHE A 110 30.83 -2.44 12.50
CA PHE A 110 30.15 -1.32 13.15
C PHE A 110 30.59 -0.04 12.49
N TYR A 111 29.66 0.91 12.35
CA TYR A 111 29.98 2.21 11.79
C TYR A 111 30.64 3.05 12.85
N ILE A 112 31.89 3.43 12.58
CA ILE A 112 32.61 4.34 13.45
C ILE A 112 32.74 5.65 12.72
N PRO A 113 32.10 6.72 13.22
CA PRO A 113 32.21 7.99 12.50
C PRO A 113 33.63 8.47 12.42
N SER A 114 33.96 9.12 11.31
CA SER A 114 35.27 9.71 11.18
C SER A 114 35.31 10.99 12.02
N PRO A 115 36.52 11.43 12.41
CA PRO A 115 36.63 12.72 13.09
C PRO A 115 35.98 13.89 12.35
N GLU A 116 36.02 13.87 11.02
CA GLU A 116 35.40 14.92 10.19
C GLU A 116 33.89 15.03 10.39
N ARG A 117 33.23 13.92 10.74
CA ARG A 117 31.80 13.93 11.03
C ARG A 117 31.39 14.94 12.11
N LEU A 118 32.31 15.26 13.02
CA LEU A 118 32.01 16.15 14.16
C LEU A 118 32.47 17.58 13.90
N GLU A 119 33.45 17.73 13.03
CA GLU A 119 33.82 19.03 12.52
C GLU A 119 32.56 19.84 12.22
N GLY A 120 32.48 21.04 12.81
CA GLY A 120 31.26 21.84 12.77
C GLY A 120 30.70 22.05 14.16
N TYR A 121 31.01 21.11 15.06
CA TYR A 121 30.52 21.14 16.42
C TYR A 121 31.66 21.48 17.35
N LYS A 122 31.43 22.39 18.26
CA LYS A 122 32.43 22.72 19.25
C LYS A 122 32.40 21.65 20.33
N THR A 123 33.31 20.68 20.26
CA THR A 123 33.38 19.64 21.28
C THR A 123 34.53 19.88 22.25
N THR A 124 34.33 19.50 23.51
CA THR A 124 35.33 19.72 24.55
C THR A 124 36.39 18.61 24.57
N ILE A 125 36.20 17.59 23.74
CA ILE A 125 37.19 16.53 23.54
C ILE A 125 37.54 16.53 22.04
N PRO A 126 38.80 16.22 21.66
CA PRO A 126 39.13 16.24 20.23
C PRO A 126 38.31 15.20 19.45
N PRO A 127 37.86 15.55 18.23
CA PRO A 127 37.09 14.62 17.40
C PRO A 127 37.65 13.20 17.36
N GLU A 128 38.97 13.08 17.32
CA GLU A 128 39.68 11.79 17.28
C GLU A 128 39.39 10.95 18.52
N ARG A 129 39.25 11.63 19.67
CA ARG A 129 38.94 10.97 20.94
C ARG A 129 37.47 10.47 20.97
N VAL A 130 36.55 11.22 20.36
CA VAL A 130 35.15 10.78 20.23
C VAL A 130 35.09 9.46 19.43
N THR A 131 35.76 9.47 18.29
CA THR A 131 35.90 8.27 17.46
C THR A 131 36.42 7.07 18.26
N GLU A 132 37.45 7.30 19.06
CA GLU A 132 38.05 6.24 19.87
C GLU A 132 37.07 5.71 20.89
N LYS A 133 36.38 6.60 21.58
CA LYS A 133 35.40 6.18 22.59
C LYS A 133 34.27 5.35 22.00
N ILE A 134 33.87 5.71 20.78
CA ILE A 134 32.83 4.97 20.09
C ILE A 134 33.35 3.58 19.78
N SER A 135 34.57 3.49 19.23
CA SER A 135 35.22 2.20 18.96
C SER A 135 35.29 1.32 20.21
N GLU A 136 35.60 1.94 21.34
CA GLU A 136 35.78 1.21 22.60
C GLU A 136 34.48 0.57 23.08
N ILE A 137 33.43 1.38 23.17
CA ILE A 137 32.14 0.88 23.64
C ILE A 137 31.55 -0.17 22.68
N VAL A 138 31.75 -0.04 21.37
CA VAL A 138 31.31 -1.11 20.47
C VAL A 138 32.10 -2.39 20.67
N ASP A 139 33.40 -2.27 20.87
CA ASP A 139 34.19 -3.46 21.17
C ASP A 139 33.68 -4.15 22.46
N LYS A 140 33.44 -3.38 23.50
CA LYS A 140 32.95 -3.96 24.77
C LYS A 140 31.63 -4.67 24.56
N ALA A 141 30.71 -4.00 23.85
CA ALA A 141 29.40 -4.60 23.57
C ALA A 141 29.55 -5.87 22.77
N TYR A 142 30.40 -5.84 21.77
CA TYR A 142 30.64 -7.02 20.96
C TYR A 142 31.24 -8.20 21.76
N ARG A 143 32.18 -7.89 22.65
CA ARG A 143 32.81 -8.91 23.49
C ARG A 143 31.82 -9.50 24.50
N THR A 144 31.00 -8.65 25.11
CA THR A 144 29.92 -9.16 25.95
C THR A 144 29.00 -10.10 25.17
N TYR A 145 28.70 -9.71 23.93
CA TYR A 145 27.85 -10.53 23.10
C TYR A 145 28.46 -11.91 22.84
N LEU A 146 29.73 -11.97 22.49
CA LEU A 146 30.39 -13.25 22.26
C LEU A 146 30.37 -14.12 23.50
N GLU A 147 30.59 -13.52 24.66
CA GLU A 147 30.54 -14.26 25.91
C GLU A 147 29.16 -14.88 26.12
N LEU A 148 28.12 -14.08 25.89
CA LEU A 148 26.75 -14.59 26.01
C LEU A 148 26.51 -15.74 25.06
N ILE A 149 26.96 -15.60 23.82
CA ILE A 149 26.81 -16.68 22.83
C ILE A 149 27.56 -17.94 23.28
N GLU A 150 28.80 -17.79 23.71
CA GLU A 150 29.62 -18.92 24.12
C GLU A 150 29.02 -19.67 25.29
N SER A 151 28.31 -18.96 26.17
CA SER A 151 27.66 -19.60 27.30
C SER A 151 26.27 -20.16 26.99
N GLY A 152 25.87 -20.18 25.71
CA GLY A 152 24.62 -20.83 25.30
C GLY A 152 23.38 -19.94 25.22
N VAL A 153 23.53 -18.61 25.40
CA VAL A 153 22.40 -17.71 25.25
C VAL A 153 22.05 -17.65 23.74
N PRO A 154 20.78 -17.86 23.38
CA PRO A 154 20.49 -17.84 21.93
C PRO A 154 20.73 -16.44 21.32
N ARG A 155 21.06 -16.41 20.05
CA ARG A 155 21.34 -15.15 19.33
C ARG A 155 20.23 -14.11 19.47
N GLU A 156 18.97 -14.54 19.44
CA GLU A 156 17.87 -13.59 19.44
C GLU A 156 17.81 -12.81 20.74
N VAL A 157 18.43 -13.33 21.80
CA VAL A 157 18.53 -12.62 23.05
C VAL A 157 19.87 -11.92 23.18
N ALA A 158 20.95 -12.63 22.89
CA ALA A 158 22.29 -12.08 23.03
C ALA A 158 22.50 -10.80 22.21
N ARG A 159 21.93 -10.76 21.02
CA ARG A 159 22.18 -9.63 20.10
C ARG A 159 21.58 -8.32 20.55
N ILE A 160 20.71 -8.34 21.57
CA ILE A 160 20.05 -7.13 21.98
C ILE A 160 20.99 -6.17 22.66
N VAL A 161 22.18 -6.64 23.08
CA VAL A 161 23.17 -5.75 23.64
C VAL A 161 24.02 -5.04 22.59
N LEU A 162 23.92 -5.43 21.33
CA LEU A 162 24.73 -4.79 20.31
C LEU A 162 24.18 -3.38 19.99
N PRO A 163 25.09 -2.43 19.73
CA PRO A 163 24.66 -1.07 19.48
C PRO A 163 24.00 -0.84 18.09
N LEU A 164 23.36 0.30 17.99
CA LEU A 164 22.64 0.69 16.82
C LEU A 164 23.51 0.94 15.58
N ASN A 165 24.83 1.02 15.74
CA ASN A 165 25.73 1.20 14.60
C ASN A 165 26.21 -0.08 13.99
N LEU A 166 25.72 -1.21 14.49
CA LEU A 166 25.97 -2.48 13.85
C LEU A 166 25.48 -2.44 12.38
N TYR A 167 26.31 -2.94 11.46
CA TYR A 167 25.90 -3.06 10.05
C TYR A 167 25.00 -4.26 9.80
N THR A 168 23.95 -4.06 9.00
CA THR A 168 23.08 -5.12 8.57
C THR A 168 23.04 -5.02 7.04
N ARG A 169 22.45 -6.00 6.41
CA ARG A 169 22.29 -6.02 4.98
C ARG A 169 20.84 -6.34 4.61
N PHE A 170 20.39 -5.74 3.51
CA PHE A 170 19.08 -6.06 2.99
C PHE A 170 18.96 -5.89 1.50
N PHE A 171 17.98 -6.58 0.94
CA PHE A 171 17.54 -6.37 -0.45
C PHE A 171 16.35 -5.43 -0.39
N TRP A 172 16.33 -4.51 -1.33
CA TRP A 172 15.32 -3.46 -1.44
C TRP A 172 14.85 -3.44 -2.88
N THR A 173 13.57 -3.74 -3.11
CA THR A 173 12.97 -3.58 -4.41
C THR A 173 11.95 -2.43 -4.35
N VAL A 174 12.07 -1.52 -5.29
CA VAL A 174 11.39 -0.23 -5.22
C VAL A 174 11.20 0.31 -6.63
N ASN A 175 10.04 0.91 -6.89
CA ASN A 175 9.80 1.51 -8.18
C ASN A 175 10.26 2.94 -8.22
N ALA A 176 10.36 3.51 -9.41
CA ALA A 176 10.97 4.83 -9.55
C ALA A 176 10.16 5.93 -8.88
N ARG A 177 8.84 5.77 -8.82
CA ARG A 177 8.02 6.78 -8.18
C ARG A 177 8.35 6.82 -6.69
N SER A 178 8.37 5.66 -6.06
CA SER A 178 8.66 5.60 -4.64
C SER A 178 10.12 5.99 -4.38
N LEU A 179 11.02 5.66 -5.30
CA LEU A 179 12.43 6.06 -5.22
C LEU A 179 12.58 7.58 -5.23
N MET A 180 11.80 8.26 -6.05
CA MET A 180 11.81 9.73 -6.07
C MET A 180 11.32 10.33 -4.77
N ASN A 181 10.27 9.76 -4.20
CA ASN A 181 9.84 10.19 -2.84
C ASN A 181 10.99 9.99 -1.81
N PHE A 182 11.65 8.85 -1.86
CA PHE A 182 12.82 8.56 -1.00
C PHE A 182 13.92 9.64 -1.17
N LEU A 183 14.23 9.98 -2.41
CA LEU A 183 15.24 11.02 -2.66
C LEU A 183 14.79 12.42 -2.21
N ASN A 184 13.53 12.78 -2.45
CA ASN A 184 13.01 14.03 -1.91
C ASN A 184 13.25 14.19 -0.40
N LEU A 185 13.05 13.10 0.32
CA LEU A 185 13.07 13.13 1.78
C LEU A 185 14.47 12.89 2.36
N ARG A 186 15.24 12.00 1.72
CA ARG A 186 16.53 11.59 2.26
C ARG A 186 17.76 12.23 1.61
N ALA A 187 17.65 12.66 0.35
CA ALA A 187 18.73 13.43 -0.28
C ALA A 187 18.45 14.89 -0.01
N ASP A 188 18.56 15.24 1.26
CA ASP A 188 18.15 16.53 1.73
C ASP A 188 18.87 16.81 3.03
N SER A 189 19.25 18.07 3.24
CA SER A 189 20.03 18.46 4.42
C SER A 189 19.28 18.28 5.76
N HIS A 190 17.95 18.17 5.75
CA HIS A 190 17.21 17.86 7.00
C HIS A 190 17.32 16.38 7.39
N ALA A 191 17.61 15.52 6.43
CA ALA A 191 17.83 14.11 6.74
C ALA A 191 19.18 13.96 7.44
N GLN A 192 19.32 12.90 8.22
CA GLN A 192 20.59 12.66 8.90
C GLN A 192 21.72 12.47 7.89
N TRP A 193 22.89 13.02 8.18
CA TRP A 193 24.02 12.99 7.26
C TRP A 193 24.30 11.58 6.72
N GLU A 194 24.27 10.58 7.59
CA GLU A 194 24.58 9.21 7.18
C GLU A 194 23.61 8.72 6.10
N ILE A 195 22.30 8.97 6.24
CA ILE A 195 21.38 8.47 5.21
C ILE A 195 21.44 9.34 3.97
N GLN A 196 21.78 10.63 4.10
CA GLN A 196 22.09 11.44 2.92
C GLN A 196 23.13 10.77 2.01
N GLN A 197 24.17 10.19 2.61
CA GLN A 197 25.23 9.56 1.83
C GLN A 197 24.66 8.38 1.03
N TYR A 198 23.81 7.58 1.65
CA TYR A 198 23.15 6.49 0.95
C TYR A 198 22.23 6.98 -0.15
N ALA A 199 21.47 8.03 0.15
CA ALA A 199 20.56 8.61 -0.86
C ALA A 199 21.31 9.15 -2.08
N LEU A 200 22.50 9.72 -1.86
CA LEU A 200 23.33 10.19 -2.97
C LEU A 200 23.73 9.03 -3.87
N ALA A 201 24.09 7.89 -3.27
CA ALA A 201 24.44 6.72 -4.06
C ALA A 201 23.24 6.14 -4.82
N ILE A 202 22.08 6.08 -4.15
CA ILE A 202 20.85 5.66 -4.83
C ILE A 202 20.58 6.61 -6.04
N ALA A 203 20.77 7.90 -5.82
CA ALA A 203 20.56 8.87 -6.91
C ALA A 203 21.52 8.67 -8.07
N ARG A 204 22.76 8.36 -7.75
CA ARG A 204 23.76 8.06 -8.79
C ARG A 204 23.33 6.92 -9.68
N ILE A 205 22.85 5.86 -9.05
CA ILE A 205 22.44 4.68 -9.78
C ILE A 205 21.22 4.97 -10.62
N PHE A 206 20.28 5.70 -10.03
CA PHE A 206 19.03 6.10 -10.70
C PHE A 206 19.36 6.93 -11.96
N LYS A 207 20.23 7.91 -11.79
CA LYS A 207 20.69 8.73 -12.91
C LYS A 207 21.34 7.94 -14.06
N GLU A 208 22.16 6.96 -13.69
CA GLU A 208 22.78 6.08 -14.66
C GLU A 208 21.74 5.25 -15.43
N LYS A 209 20.72 4.73 -14.76
CA LYS A 209 19.75 3.87 -15.43
C LYS A 209 18.55 4.58 -16.07
N CYS A 210 18.19 5.75 -15.57
CA CYS A 210 17.07 6.50 -16.10
C CYS A 210 17.47 7.95 -16.19
N PRO A 211 18.38 8.27 -17.10
CA PRO A 211 18.87 9.66 -17.19
C PRO A 211 17.79 10.71 -17.46
N TRP A 212 16.82 10.42 -18.32
CA TRP A 212 15.80 11.43 -18.66
C TRP A 212 14.86 11.65 -17.50
N THR A 213 14.45 10.56 -16.85
CA THR A 213 13.62 10.66 -15.66
C THR A 213 14.34 11.45 -14.58
N PHE A 214 15.60 11.11 -14.36
CA PHE A 214 16.36 11.75 -13.30
C PHE A 214 16.52 13.25 -13.53
N GLU A 215 16.90 13.63 -14.76
CA GLU A 215 17.05 15.04 -15.09
C GLU A 215 15.73 15.77 -14.93
N ALA A 216 14.64 15.19 -15.43
CA ALA A 216 13.34 15.82 -15.29
C ALA A 216 12.95 15.97 -13.83
N PHE A 217 13.26 14.95 -13.03
CA PHE A 217 13.00 14.97 -11.59
C PHE A 217 13.75 16.14 -10.93
N LEU A 218 15.04 16.27 -11.18
CA LEU A 218 15.81 17.39 -10.62
C LEU A 218 15.28 18.74 -11.05
N LYS A 219 14.91 18.84 -12.32
CA LYS A 219 14.40 20.08 -12.89
C LYS A 219 13.05 20.49 -12.33
N TYR A 220 12.11 19.55 -12.25
CA TYR A 220 10.72 19.92 -11.96
C TYR A 220 10.17 19.52 -10.62
N ALA A 221 10.65 18.43 -10.04
CA ALA A 221 9.97 17.84 -8.92
C ALA A 221 10.79 17.73 -7.66
N TYR A 222 12.12 17.72 -7.76
CA TYR A 222 12.95 17.42 -6.62
C TYR A 222 12.86 18.53 -5.61
N LYS A 223 12.45 18.17 -4.38
CA LYS A 223 12.15 19.11 -3.30
C LYS A 223 13.32 19.33 -2.37
N GLY A 224 14.33 18.47 -2.44
CA GLY A 224 15.47 18.56 -1.55
C GLY A 224 16.47 19.62 -2.02
N ASP A 225 17.63 19.66 -1.38
CA ASP A 225 18.71 20.63 -1.73
C ASP A 225 20.01 20.00 -2.26
N ILE A 226 20.48 18.92 -1.65
CA ILE A 226 21.82 18.39 -1.95
C ILE A 226 22.11 17.75 -3.32
N LEU A 227 21.12 17.29 -4.09
CA LEU A 227 21.42 16.67 -5.43
C LEU A 227 21.94 17.58 -6.57
N MET B 13 -7.72 1.38 28.12
CA MET B 13 -7.00 0.06 28.18
C MET B 13 -5.51 0.23 27.98
N LYS B 14 -4.77 -0.23 28.98
CA LYS B 14 -3.34 -0.23 28.96
C LYS B 14 -2.83 -1.53 29.56
N ILE B 15 -1.98 -2.23 28.85
CA ILE B 15 -1.46 -3.49 29.31
C ILE B 15 0.05 -3.36 29.36
N ASP B 16 0.64 -3.69 30.51
CA ASP B 16 2.10 -3.72 30.64
C ASP B 16 2.71 -4.96 30.01
N ILE B 17 3.87 -4.78 29.38
CA ILE B 17 4.55 -5.83 28.66
C ILE B 17 6.03 -5.77 28.95
N LEU B 18 6.66 -6.93 29.06
CA LEU B 18 8.09 -7.01 29.39
C LEU B 18 8.34 -6.28 30.71
N ASP B 19 9.50 -5.68 30.91
CA ASP B 19 9.79 -5.02 32.19
C ASP B 19 9.31 -3.58 32.27
N LYS B 20 9.35 -2.83 31.17
CA LYS B 20 8.92 -1.42 31.20
C LYS B 20 8.02 -1.03 30.02
N GLY B 21 7.61 -2.01 29.22
CA GLY B 21 6.84 -1.74 28.00
C GLY B 21 5.36 -1.64 28.28
N PHE B 22 4.61 -1.21 27.29
CA PHE B 22 3.16 -1.25 27.35
C PHE B 22 2.52 -1.14 25.97
N VAL B 23 1.26 -1.51 25.94
CA VAL B 23 0.38 -1.24 24.82
C VAL B 23 -0.84 -0.56 25.40
N GLU B 24 -1.20 0.58 24.84
CA GLU B 24 -2.30 1.39 25.29
C GLU B 24 -3.21 1.68 24.09
N LEU B 25 -4.50 1.52 24.27
CA LEU B 25 -5.48 1.87 23.23
C LEU B 25 -5.78 3.37 23.23
N VAL B 26 -5.58 4.02 22.08
CA VAL B 26 -5.76 5.46 21.98
C VAL B 26 -7.13 5.77 21.42
N ASP B 27 -7.56 5.02 20.42
CA ASP B 27 -8.81 5.29 19.74
C ASP B 27 -9.19 4.07 18.89
N VAL B 28 -10.47 4.00 18.57
CA VAL B 28 -11.01 2.95 17.71
C VAL B 28 -12.14 3.53 16.89
N MET B 29 -12.17 3.22 15.61
CA MET B 29 -13.31 3.58 14.79
C MET B 29 -14.04 2.32 14.52
N GLY B 30 -15.28 2.32 14.96
CA GLY B 30 -16.20 1.27 14.61
C GLY B 30 -16.16 0.11 15.56
N ASN B 31 -16.85 -0.94 15.16
CA ASN B 31 -16.93 -2.15 15.95
C ASN B 31 -17.32 -3.24 14.96
N ASP B 32 -17.74 -4.39 15.45
CA ASP B 32 -18.11 -5.50 14.57
C ASP B 32 -19.10 -5.08 13.51
N LEU B 33 -20.06 -4.22 13.89
CA LEU B 33 -21.10 -3.83 12.96
C LEU B 33 -20.61 -2.94 11.82
N SER B 34 -19.45 -2.31 11.99
CA SER B 34 -18.81 -1.53 10.90
C SER B 34 -18.46 -2.44 9.71
N ALA B 35 -18.01 -3.65 10.00
CA ALA B 35 -17.71 -4.64 8.96
C ALA B 35 -19.01 -5.12 8.30
N VAL B 36 -20.05 -5.30 9.10
CA VAL B 36 -21.35 -5.75 8.57
C VAL B 36 -21.95 -4.70 7.66
N ARG B 37 -21.91 -3.44 8.10
CA ARG B 37 -22.40 -2.33 7.26
C ARG B 37 -21.65 -2.21 5.95
N ALA B 38 -20.33 -2.30 6.02
CA ALA B 38 -19.50 -2.21 4.80
C ALA B 38 -19.79 -3.37 3.86
N ALA B 39 -19.94 -4.59 4.39
CA ALA B 39 -20.23 -5.76 3.56
C ALA B 39 -21.58 -5.66 2.87
N ARG B 40 -22.57 -5.14 3.57
CA ARG B 40 -23.90 -4.93 2.98
C ARG B 40 -24.00 -3.63 2.21
N VAL B 41 -22.99 -2.76 2.31
CA VAL B 41 -23.04 -1.41 1.77
C VAL B 41 -24.35 -0.72 2.20
N SER B 42 -24.58 -0.69 3.51
CA SER B 42 -25.82 -0.16 4.03
C SER B 42 -25.52 0.62 5.29
N PHE B 43 -25.85 1.92 5.29
CA PHE B 43 -25.68 2.70 6.51
C PHE B 43 -26.78 2.46 7.56
N ASP B 44 -28.05 2.37 7.16
CA ASP B 44 -29.17 2.38 8.16
C ASP B 44 -29.05 1.35 9.31
N GLU B 50 -29.17 -9.39 15.33
CA GLU B 50 -27.92 -9.78 15.97
C GLU B 50 -27.40 -11.13 15.51
N GLU B 51 -28.28 -12.11 15.46
CA GLU B 51 -27.91 -13.45 14.99
C GLU B 51 -27.49 -13.46 13.53
N ARG B 52 -28.19 -12.68 12.69
CA ARG B 52 -27.87 -12.64 11.27
C ARG B 52 -26.56 -11.87 11.06
N ASP B 53 -26.33 -10.84 11.86
CA ASP B 53 -25.11 -10.01 11.77
C ASP B 53 -23.89 -10.81 12.18
N ARG B 54 -24.01 -11.52 13.30
CA ARG B 54 -22.96 -12.41 13.74
C ARG B 54 -22.70 -13.54 12.73
N HIS B 55 -23.75 -14.06 12.10
CA HIS B 55 -23.60 -15.09 11.09
C HIS B 55 -22.87 -14.55 9.84
N LEU B 56 -23.13 -13.30 9.46
CA LEU B 56 -22.42 -12.68 8.36
C LEU B 56 -20.93 -12.55 8.68
N ILE B 57 -20.59 -12.14 9.90
CA ILE B 57 -19.18 -12.02 10.26
C ILE B 57 -18.46 -13.38 10.11
N GLU B 58 -19.09 -14.45 10.57
CA GLU B 58 -18.49 -15.79 10.45
C GLU B 58 -18.35 -16.20 9.00
N TYR B 59 -19.36 -15.87 8.21
CA TYR B 59 -19.38 -16.18 6.79
C TYR B 59 -18.19 -15.52 6.08
N LEU B 60 -18.03 -14.22 6.31
CA LEU B 60 -16.95 -13.47 5.68
C LEU B 60 -15.60 -14.08 6.06
N MET B 61 -15.45 -14.37 7.33
CA MET B 61 -14.19 -14.89 7.85
C MET B 61 -13.89 -16.28 7.27
N LYS B 62 -14.88 -17.15 7.27
CA LYS B 62 -14.62 -18.50 6.76
C LYS B 62 -14.32 -18.54 5.27
N HIS B 63 -14.92 -17.66 4.48
CA HIS B 63 -14.65 -17.65 3.05
C HIS B 63 -13.54 -16.70 2.62
N GLY B 64 -12.84 -16.09 3.57
CA GLY B 64 -11.76 -15.21 3.22
C GLY B 64 -12.20 -13.88 2.60
N HIS B 65 -13.44 -13.43 2.86
CA HIS B 65 -13.90 -12.14 2.38
C HIS B 65 -13.49 -11.09 3.41
N GLU B 66 -12.25 -10.64 3.30
CA GLU B 66 -11.64 -9.89 4.38
C GLU B 66 -11.76 -8.39 4.24
N THR B 67 -12.08 -7.89 3.05
CA THR B 67 -12.11 -6.42 2.86
C THR B 67 -13.07 -5.66 3.80
N PRO B 68 -14.22 -6.25 4.16
CA PRO B 68 -15.07 -5.49 5.11
C PRO B 68 -14.41 -5.15 6.44
N PHE B 69 -13.44 -5.97 6.87
CA PHE B 69 -12.75 -5.74 8.12
C PHE B 69 -11.77 -4.56 8.07
N GLU B 70 -11.50 -4.06 6.88
CA GLU B 70 -10.66 -2.87 6.74
C GLU B 70 -11.35 -1.59 7.23
N HIS B 71 -12.66 -1.65 7.45
CA HIS B 71 -13.42 -0.48 7.89
C HIS B 71 -13.50 -0.39 9.43
N ILE B 72 -12.85 -1.29 10.13
CA ILE B 72 -12.59 -1.16 11.55
C ILE B 72 -11.13 -0.73 11.71
N VAL B 73 -10.90 0.33 12.48
CA VAL B 73 -9.52 0.88 12.63
C VAL B 73 -9.22 1.16 14.11
N PHE B 74 -7.99 0.86 14.52
CA PHE B 74 -7.46 1.09 15.84
C PHE B 74 -6.26 2.04 15.79
N THR B 75 -6.11 2.85 16.84
CA THR B 75 -4.85 3.52 17.14
C THR B 75 -4.34 3.06 18.52
N PHE B 76 -3.10 2.59 18.53
CA PHE B 76 -2.43 2.18 19.76
C PHE B 76 -1.26 3.07 20.02
N HIS B 77 -0.90 3.16 21.31
CA HIS B 77 0.34 3.77 21.75
C HIS B 77 1.16 2.69 22.39
N VAL B 78 2.36 2.46 21.85
CA VAL B 78 3.20 1.32 22.22
C VAL B 78 4.58 1.78 22.70
N LYS B 79 5.03 1.16 23.78
CA LYS B 79 6.37 1.35 24.30
C LYS B 79 7.05 0.00 24.25
N ALA B 80 8.10 -0.09 23.44
CA ALA B 80 8.75 -1.34 23.16
C ALA B 80 10.22 -1.14 22.85
N PRO B 81 11.04 -2.17 23.10
CA PRO B 81 12.46 -2.05 22.75
C PRO B 81 12.63 -1.94 21.23
N ILE B 82 13.67 -1.27 20.81
CA ILE B 82 13.93 -1.11 19.38
C ILE B 82 13.93 -2.41 18.59
N PHE B 83 14.53 -3.49 19.11
CA PHE B 83 14.57 -4.73 18.33
C PHE B 83 13.15 -5.30 18.08
N VAL B 84 12.22 -5.05 19.01
CA VAL B 84 10.84 -5.41 18.79
C VAL B 84 10.20 -4.47 17.78
N ALA B 85 10.42 -3.16 17.96
CA ALA B 85 9.87 -2.18 17.06
C ALA B 85 10.30 -2.45 15.61
N ARG B 86 11.54 -2.90 15.39
CA ARG B 86 12.05 -3.16 14.04
C ARG B 86 11.22 -4.26 13.39
N GLN B 87 10.88 -5.29 14.15
CA GLN B 87 10.04 -6.36 13.62
C GLN B 87 8.63 -5.83 13.33
N TRP B 88 8.10 -5.09 14.27
CA TRP B 88 6.75 -4.55 14.17
C TRP B 88 6.59 -3.65 12.93
N PHE B 89 7.56 -2.77 12.73
CA PHE B 89 7.54 -1.79 11.66
C PHE B 89 7.71 -2.44 10.28
N ARG B 90 8.00 -3.74 10.22
CA ARG B 90 7.95 -4.44 8.95
C ARG B 90 6.53 -4.59 8.39
N HIS B 91 5.50 -4.40 9.23
CA HIS B 91 4.13 -4.43 8.79
C HIS B 91 3.78 -3.09 8.11
N ARG B 92 3.84 -3.11 6.80
CA ARG B 92 3.75 -1.91 5.99
C ARG B 92 2.34 -1.36 5.87
N ILE B 93 1.32 -2.20 6.04
CA ILE B 93 -0.05 -1.74 5.85
C ILE B 93 -0.60 -1.26 7.20
N ALA B 94 -0.13 -0.07 7.54
CA ALA B 94 -0.40 0.56 8.82
C ALA B 94 0.31 1.91 8.78
N SER B 95 0.03 2.71 9.79
CA SER B 95 0.66 4.01 9.95
C SER B 95 1.41 4.08 11.29
N TYR B 96 2.59 4.68 11.27
CA TYR B 96 3.47 4.74 12.41
C TYR B 96 3.96 6.17 12.64
N ASN B 97 4.04 6.58 13.91
CA ASN B 97 4.79 7.76 14.29
C ASN B 97 5.56 7.49 15.56
N GLU B 98 6.87 7.67 15.50
CA GLU B 98 7.77 7.26 16.55
C GLU B 98 8.50 8.45 17.12
N LEU B 99 8.92 8.35 18.38
CA LEU B 99 9.90 9.31 18.95
C LEU B 99 11.15 9.45 18.09
N SER B 100 11.69 10.66 18.02
CA SER B 100 12.89 10.95 17.22
C SER B 100 14.17 10.67 18.00
N GLY B 101 14.98 9.75 17.51
CA GLY B 101 16.33 9.54 18.04
C GLY B 101 17.26 10.73 17.87
N ARG B 102 16.95 11.58 16.90
CA ARG B 102 17.77 12.73 16.59
C ARG B 102 17.41 13.91 17.48
N TYR B 103 16.12 14.04 17.82
CA TYR B 103 15.62 15.25 18.47
C TYR B 103 14.80 15.08 19.74
N SER B 104 14.26 13.89 20.00
CA SER B 104 13.33 13.73 21.11
C SER B 104 14.09 13.47 22.39
N LYS B 105 13.50 13.96 23.48
CA LYS B 105 13.87 13.57 24.83
C LYS B 105 13.49 12.09 25.05
N LEU B 106 14.41 11.29 25.56
CA LEU B 106 14.09 9.89 25.86
C LEU B 106 14.19 9.67 27.36
N SER B 107 13.61 8.57 27.83
CA SER B 107 13.67 8.20 29.24
C SER B 107 14.89 7.32 29.51
N TYR B 108 15.51 6.81 28.45
CA TYR B 108 16.64 5.91 28.56
C TYR B 108 16.36 4.75 29.49
N GLU B 109 15.44 3.89 29.08
CA GLU B 109 15.17 2.64 29.72
C GLU B 109 15.47 1.54 28.74
N PHE B 110 15.80 0.37 29.26
CA PHE B 110 16.31 -0.72 28.49
C PHE B 110 15.64 -2.01 28.93
N TYR B 111 15.36 -2.88 27.98
CA TYR B 111 14.75 -4.18 28.28
C TYR B 111 15.82 -5.10 28.77
N ILE B 112 15.68 -5.53 30.02
CA ILE B 112 16.59 -6.50 30.61
C ILE B 112 15.80 -7.79 30.74
N PRO B 113 16.16 -8.83 30.00
CA PRO B 113 15.38 -10.05 30.13
C PRO B 113 15.42 -10.61 31.55
N SER B 114 14.32 -11.21 31.98
CA SER B 114 14.28 -11.87 33.24
C SER B 114 15.03 -13.19 33.13
N PRO B 115 15.49 -13.72 34.28
CA PRO B 115 16.16 -15.03 34.25
C PRO B 115 15.29 -16.13 33.63
N GLU B 116 13.98 -16.05 33.82
CA GLU B 116 13.03 -17.03 33.26
C GLU B 116 13.05 -17.09 31.74
N ARG B 117 13.39 -15.97 31.10
CA ARG B 117 13.53 -15.90 29.65
C ARG B 117 14.50 -16.95 29.08
N LEU B 118 15.49 -17.36 29.86
CA LEU B 118 16.53 -18.30 29.40
C LEU B 118 16.27 -19.73 29.84
N GLU B 119 15.50 -19.89 30.91
CA GLU B 119 14.99 -21.19 31.32
C GLU B 119 14.51 -21.95 30.10
N GLY B 120 15.05 -23.15 29.91
CA GLY B 120 14.82 -23.93 28.70
C GLY B 120 16.11 -24.15 27.94
N TYR B 121 17.08 -23.26 28.13
CA TYR B 121 18.36 -23.33 27.45
C TYR B 121 19.43 -23.73 28.46
N LYS B 122 20.28 -24.67 28.07
CA LYS B 122 21.34 -25.13 28.93
C LYS B 122 22.49 -24.13 28.82
N THR B 123 22.55 -23.18 29.75
CA THR B 123 23.61 -22.17 29.71
C THR B 123 24.71 -22.52 30.71
N THR B 124 25.95 -22.15 30.38
CA THR B 124 27.09 -22.47 31.23
C THR B 124 27.28 -21.46 32.34
N ILE B 125 26.46 -20.41 32.37
CA ILE B 125 26.39 -19.53 33.53
C ILE B 125 24.93 -19.40 33.97
N PRO B 126 24.71 -19.10 35.26
CA PRO B 126 23.32 -19.02 35.72
C PRO B 126 22.54 -17.92 35.01
N PRO B 127 21.27 -18.18 34.68
CA PRO B 127 20.39 -17.16 34.08
C PRO B 127 20.49 -15.77 34.71
N GLU B 128 20.62 -15.72 36.03
CA GLU B 128 20.71 -14.45 36.78
C GLU B 128 21.95 -13.67 36.38
N ARG B 129 23.02 -14.40 36.08
CA ARG B 129 24.27 -13.77 35.66
C ARG B 129 24.18 -13.21 34.23
N VAL B 130 23.45 -13.90 33.35
CA VAL B 130 23.20 -13.38 32.00
C VAL B 130 22.47 -12.03 32.08
N THR B 131 21.42 -12.00 32.88
CA THR B 131 20.68 -10.77 33.18
C THR B 131 21.61 -9.65 33.66
N GLU B 132 22.49 -9.99 34.59
CA GLU B 132 23.39 -9.04 35.18
C GLU B 132 24.35 -8.50 34.10
N LYS B 133 24.91 -9.38 33.28
CA LYS B 133 25.85 -8.95 32.21
C LYS B 133 25.18 -8.02 31.19
N ILE B 134 23.89 -8.28 30.91
CA ILE B 134 23.13 -7.43 30.00
C ILE B 134 22.95 -6.07 30.63
N SER B 135 22.51 -6.03 31.87
CA SER B 135 22.42 -4.79 32.61
C SER B 135 23.73 -3.99 32.69
N GLU B 136 24.87 -4.68 32.86
CA GLU B 136 26.18 -4.03 32.94
C GLU B 136 26.55 -3.32 31.63
N ILE B 137 26.48 -4.06 30.53
CA ILE B 137 26.86 -3.52 29.23
C ILE B 137 25.93 -2.38 28.81
N VAL B 138 24.64 -2.44 29.17
CA VAL B 138 23.71 -1.33 28.94
C VAL B 138 24.09 -0.11 29.74
N ASP B 139 24.44 -0.32 31.00
CA ASP B 139 24.90 0.80 31.82
C ASP B 139 26.18 1.46 31.25
N LYS B 140 27.14 0.64 30.84
CA LYS B 140 28.37 1.17 30.22
C LYS B 140 28.07 1.96 28.94
N ALA B 141 27.24 1.39 28.07
CA ALA B 141 26.81 2.09 26.84
C ALA B 141 26.14 3.40 27.17
N TYR B 142 25.22 3.37 28.13
CA TYR B 142 24.53 4.58 28.52
C TYR B 142 25.48 5.67 29.07
N ARG B 143 26.45 5.25 29.88
CA ARG B 143 27.42 6.16 30.47
C ARG B 143 28.35 6.74 29.39
N THR B 144 28.81 5.91 28.46
CA THR B 144 29.55 6.44 27.30
C THR B 144 28.73 7.47 26.54
N TYR B 145 27.44 7.17 26.37
CA TYR B 145 26.54 8.07 25.67
C TYR B 145 26.47 9.44 26.37
N LEU B 146 26.27 9.43 27.68
CA LEU B 146 26.19 10.70 28.42
C LEU B 146 27.49 11.50 28.30
N GLU B 147 28.63 10.82 28.37
CA GLU B 147 29.92 11.50 28.20
C GLU B 147 30.02 12.17 26.84
N LEU B 148 29.62 11.45 25.79
CA LEU B 148 29.60 12.03 24.45
C LEU B 148 28.68 13.25 24.41
N ILE B 149 27.49 13.14 24.97
CA ILE B 149 26.56 14.28 24.99
C ILE B 149 27.19 15.47 25.73
N GLU B 150 27.76 15.21 26.89
CA GLU B 150 28.36 16.25 27.74
C GLU B 150 29.47 16.99 27.04
N SER B 151 30.21 16.29 26.21
CA SER B 151 31.29 16.90 25.47
C SER B 151 30.84 17.57 24.16
N GLY B 152 29.54 17.68 23.92
CA GLY B 152 29.01 18.39 22.74
C GLY B 152 28.74 17.59 21.46
N VAL B 153 28.81 16.27 21.52
CA VAL B 153 28.44 15.44 20.38
C VAL B 153 26.92 15.50 20.24
N PRO B 154 26.40 15.81 19.03
CA PRO B 154 24.92 15.85 18.92
C PRO B 154 24.29 14.48 19.15
N ARG B 155 23.04 14.48 19.60
CA ARG B 155 22.30 13.24 19.87
C ARG B 155 22.27 12.27 18.70
N GLU B 156 22.12 12.78 17.48
CA GLU B 156 21.95 11.90 16.33
C GLU B 156 23.18 11.06 16.07
N VAL B 157 24.33 11.52 16.58
CA VAL B 157 25.54 10.73 16.52
C VAL B 157 25.79 9.94 17.80
N ALA B 158 25.66 10.59 18.95
CA ALA B 158 25.92 9.96 20.25
C ALA B 158 25.06 8.73 20.51
N ARG B 159 23.79 8.79 20.08
CA ARG B 159 22.85 7.67 20.35
C ARG B 159 23.15 6.38 19.61
N ILE B 160 24.04 6.43 18.63
CA ILE B 160 24.32 5.23 17.88
C ILE B 160 25.06 4.17 18.69
N VAL B 161 25.62 4.56 19.84
CA VAL B 161 26.27 3.58 20.74
C VAL B 161 25.28 2.89 21.66
N LEU B 162 24.03 3.33 21.69
CA LEU B 162 23.05 2.69 22.57
C LEU B 162 22.57 1.36 22.00
N PRO B 163 22.30 0.38 22.87
CA PRO B 163 21.96 -0.95 22.39
C PRO B 163 20.52 -1.09 21.89
N LEU B 164 20.28 -2.20 21.21
CA LEU B 164 19.01 -2.48 20.57
C LEU B 164 17.86 -2.71 21.55
N ASN B 165 18.18 -2.86 22.85
CA ASN B 165 17.13 -3.04 23.83
C ASN B 165 16.63 -1.76 24.45
N LEU B 166 17.15 -0.63 23.98
CA LEU B 166 16.59 0.65 24.33
C LEU B 166 15.08 0.74 23.98
N TYR B 167 14.27 1.24 24.92
CA TYR B 167 12.85 1.41 24.70
C TYR B 167 12.57 2.64 23.88
N THR B 168 11.63 2.51 22.94
CA THR B 168 11.13 3.64 22.17
C THR B 168 9.62 3.61 22.33
N ARG B 169 8.97 4.64 21.82
CA ARG B 169 7.52 4.72 21.79
C ARG B 169 7.01 5.11 20.41
N PHE B 170 5.84 4.60 20.06
CA PHE B 170 5.18 4.99 18.82
C PHE B 170 3.68 4.87 18.88
N PHE B 171 3.03 5.63 18.00
CA PHE B 171 1.64 5.46 17.67
C PHE B 171 1.54 4.56 16.44
N TRP B 172 0.56 3.67 16.46
CA TRP B 172 0.30 2.68 15.42
C TRP B 172 -1.17 2.73 15.08
N THR B 173 -1.50 3.09 13.85
CA THR B 173 -2.87 3.06 13.37
C THR B 173 -3.01 1.96 12.32
N VAL B 174 -3.98 1.08 12.53
CA VAL B 174 -4.05 -0.17 11.79
C VAL B 174 -5.48 -0.64 11.70
N ASN B 175 -5.87 -1.14 10.53
CA ASN B 175 -7.21 -1.64 10.38
C ASN B 175 -7.27 -3.11 10.82
N ALA B 176 -8.48 -3.61 11.02
CA ALA B 176 -8.65 -4.96 11.59
C ALA B 176 -8.16 -6.06 10.66
N ARG B 177 -8.23 -5.85 9.35
CA ARG B 177 -7.66 -6.84 8.43
C ARG B 177 -6.15 -6.96 8.59
N SER B 178 -5.47 -5.82 8.58
CA SER B 178 -4.02 -5.82 8.75
C SER B 178 -3.63 -6.31 10.16
N LEU B 179 -4.44 -5.98 11.15
CA LEU B 179 -4.24 -6.41 12.52
C LEU B 179 -4.31 -7.93 12.62
N MET B 180 -5.24 -8.52 11.91
CA MET B 180 -5.33 -10.00 11.88
C MET B 180 -4.12 -10.65 11.24
N ASN B 181 -3.58 -10.04 10.18
CA ASN B 181 -2.33 -10.51 9.61
C ASN B 181 -1.21 -10.43 10.64
N PHE B 182 -1.12 -9.33 11.37
CA PHE B 182 -0.13 -9.13 12.40
C PHE B 182 -0.24 -10.22 13.48
N LEU B 183 -1.46 -10.52 13.89
CA LEU B 183 -1.66 -11.59 14.87
C LEU B 183 -1.31 -12.98 14.32
N ASN B 184 -1.67 -13.26 13.06
CA ASN B 184 -1.27 -14.52 12.44
C ASN B 184 0.22 -14.75 12.50
N LEU B 185 0.99 -13.69 12.29
CA LEU B 185 2.43 -13.78 12.18
C LEU B 185 3.14 -13.65 13.50
N ARG B 186 2.64 -12.78 14.36
CA ARG B 186 3.34 -12.45 15.61
C ARG B 186 2.79 -13.12 16.85
N ALA B 187 1.52 -13.47 16.85
CA ALA B 187 0.95 -14.25 17.97
C ALA B 187 1.11 -15.72 17.59
N ASP B 188 2.36 -16.14 17.58
CA ASP B 188 2.72 -17.44 17.04
C ASP B 188 4.08 -17.80 17.60
N SER B 189 4.28 -19.09 17.85
CA SER B 189 5.51 -19.56 18.51
C SER B 189 6.76 -19.40 17.65
N HIS B 190 6.64 -19.24 16.32
CA HIS B 190 7.82 -18.92 15.49
C HIS B 190 8.30 -17.47 15.65
N ALA B 191 7.41 -16.58 16.08
CA ALA B 191 7.80 -15.20 16.32
C ALA B 191 8.64 -15.17 17.57
N GLN B 192 9.48 -14.14 17.68
CA GLN B 192 10.30 -13.98 18.85
C GLN B 192 9.42 -13.78 20.08
N TRP B 193 9.82 -14.39 21.19
CA TRP B 193 9.00 -14.36 22.41
C TRP B 193 8.57 -12.94 22.80
N GLU B 194 9.50 -12.00 22.72
CA GLU B 194 9.21 -10.62 23.12
C GLU B 194 8.06 -10.01 22.31
N ILE B 195 8.04 -10.23 21.00
CA ILE B 195 6.93 -9.66 20.24
C ILE B 195 5.68 -10.46 20.39
N GLN B 196 5.77 -11.77 20.65
CA GLN B 196 4.58 -12.54 21.03
C GLN B 196 3.81 -11.87 22.16
N GLN B 197 4.55 -11.38 23.16
CA GLN B 197 3.92 -10.78 24.35
C GLN B 197 3.14 -9.53 23.97
N TYR B 198 3.71 -8.72 23.10
CA TYR B 198 2.99 -7.58 22.55
C TYR B 198 1.76 -8.00 21.74
N ALA B 199 1.91 -9.02 20.89
CA ALA B 199 0.80 -9.48 20.08
C ALA B 199 -0.37 -10.01 20.94
N LEU B 200 -0.07 -10.65 22.05
CA LEU B 200 -1.13 -11.10 22.97
C LEU B 200 -1.90 -9.93 23.51
N ALA B 201 -1.20 -8.86 23.85
CA ALA B 201 -1.88 -7.67 24.34
C ALA B 201 -2.74 -6.97 23.26
N ILE B 202 -2.21 -6.91 22.05
CA ILE B 202 -2.99 -6.38 20.92
C ILE B 202 -4.25 -7.23 20.74
N ALA B 203 -4.09 -8.56 20.82
CA ALA B 203 -5.24 -9.45 20.68
C ALA B 203 -6.31 -9.20 21.74
N ARG B 204 -5.86 -8.99 22.97
CA ARG B 204 -6.79 -8.77 24.07
C ARG B 204 -7.64 -7.52 23.83
N ILE B 205 -7.01 -6.47 23.31
CA ILE B 205 -7.72 -5.23 23.06
C ILE B 205 -8.68 -5.40 21.88
N PHE B 206 -8.21 -6.09 20.85
CA PHE B 206 -9.04 -6.41 19.69
C PHE B 206 -10.30 -7.20 20.12
N LYS B 207 -10.09 -8.22 20.92
CA LYS B 207 -11.20 -9.02 21.44
C LYS B 207 -12.21 -8.19 22.22
N GLU B 208 -11.73 -7.29 23.05
CA GLU B 208 -12.60 -6.40 23.82
C GLU B 208 -13.44 -5.51 22.91
N LYS B 209 -12.87 -4.98 21.83
CA LYS B 209 -13.58 -4.03 20.99
C LYS B 209 -14.38 -4.67 19.88
N CYS B 210 -13.96 -5.85 19.41
CA CYS B 210 -14.61 -6.51 18.31
C CYS B 210 -14.76 -8.00 18.62
N PRO B 211 -15.59 -8.33 19.60
CA PRO B 211 -15.67 -9.73 20.08
C PRO B 211 -16.11 -10.71 19.02
N TRP B 212 -17.04 -10.31 18.16
CA TRP B 212 -17.50 -11.24 17.14
C TRP B 212 -16.45 -11.49 16.07
N THR B 213 -15.80 -10.42 15.65
CA THR B 213 -14.75 -10.55 14.65
C THR B 213 -13.63 -11.40 15.21
N PHE B 214 -13.24 -11.12 16.45
CA PHE B 214 -12.15 -11.85 17.09
C PHE B 214 -12.45 -13.35 17.21
N GLU B 215 -13.65 -13.68 17.67
CA GLU B 215 -14.03 -15.08 17.82
C GLU B 215 -14.09 -15.77 16.47
N ALA B 216 -14.66 -15.12 15.46
CA ALA B 216 -14.69 -15.69 14.12
C ALA B 216 -13.27 -15.90 13.57
N PHE B 217 -12.40 -14.93 13.81
CA PHE B 217 -11.01 -15.02 13.41
C PHE B 217 -10.35 -16.27 14.02
N LEU B 218 -10.43 -16.42 15.34
CA LEU B 218 -9.84 -17.60 16.00
C LEU B 218 -10.39 -18.90 15.45
N LYS B 219 -11.69 -18.92 15.19
CA LYS B 219 -12.36 -20.11 14.73
C LYS B 219 -12.02 -20.48 13.31
N TYR B 220 -11.96 -19.50 12.40
CA TYR B 220 -11.83 -19.83 10.98
C TYR B 220 -10.55 -19.45 10.30
N ALA B 221 -9.88 -18.39 10.74
CA ALA B 221 -8.80 -17.80 9.95
C ALA B 221 -7.47 -17.75 10.66
N TYR B 222 -7.45 -17.81 11.99
CA TYR B 222 -6.19 -17.63 12.71
C TYR B 222 -5.25 -18.80 12.46
N LYS B 223 -4.04 -18.48 11.98
CA LYS B 223 -3.05 -19.46 11.53
C LYS B 223 -2.00 -19.78 12.57
N GLY B 224 -1.92 -18.97 13.62
CA GLY B 224 -0.92 -19.15 14.65
C GLY B 224 -1.32 -20.23 15.65
N ASP B 225 -0.54 -20.39 16.71
CA ASP B 225 -0.83 -21.39 17.76
C ASP B 225 -1.20 -20.79 19.14
N ILE B 226 -0.48 -19.77 19.60
CA ILE B 226 -0.63 -19.29 20.98
C ILE B 226 -1.95 -18.62 21.44
N LEU B 227 -2.81 -18.09 20.55
CA LEU B 227 -4.08 -17.43 21.01
C LEU B 227 -5.25 -18.32 21.53
N HIS C 12 -25.21 13.73 11.53
CA HIS C 12 -25.33 13.07 10.19
C HIS C 12 -25.17 14.03 9.03
N MET C 13 -24.23 13.73 8.15
CA MET C 13 -23.95 14.57 6.99
C MET C 13 -24.11 13.78 5.71
N LYS C 14 -25.00 14.26 4.87
CA LYS C 14 -25.28 13.67 3.59
C LYS C 14 -25.48 14.77 2.56
N ILE C 15 -24.72 14.71 1.48
CA ILE C 15 -24.79 15.74 0.47
C ILE C 15 -25.16 15.11 -0.84
N ASP C 16 -26.20 15.65 -1.50
CA ASP C 16 -26.58 15.18 -2.81
C ASP C 16 -25.64 15.70 -3.90
N ILE C 17 -25.39 14.85 -4.89
CA ILE C 17 -24.47 15.16 -5.98
C ILE C 17 -25.06 14.66 -7.29
N LEU C 18 -24.84 15.40 -8.36
CA LEU C 18 -25.38 15.07 -9.69
C LEU C 18 -26.92 14.92 -9.57
N ASP C 19 -27.56 14.07 -10.37
CA ASP C 19 -29.02 13.94 -10.32
C ASP C 19 -29.55 12.96 -9.26
N LYS C 20 -28.80 11.89 -8.97
CA LYS C 20 -29.26 10.89 -7.99
C LYS C 20 -28.14 10.41 -7.05
N GLY C 21 -26.98 11.06 -7.10
CA GLY C 21 -25.82 10.63 -6.32
C GLY C 21 -25.82 11.25 -4.95
N PHE C 22 -24.91 10.78 -4.10
CA PHE C 22 -24.68 11.38 -2.80
C PHE C 22 -23.33 10.98 -2.21
N VAL C 23 -22.92 11.75 -1.21
CA VAL C 23 -21.85 11.38 -0.30
C VAL C 23 -22.41 11.50 1.09
N GLU C 24 -22.29 10.46 1.87
CA GLU C 24 -22.77 10.40 3.24
C GLU C 24 -21.61 10.04 4.15
N LEU C 25 -21.45 10.76 5.27
CA LEU C 25 -20.46 10.39 6.27
C LEU C 25 -20.98 9.27 7.16
N VAL C 26 -20.23 8.18 7.26
CA VAL C 26 -20.63 7.03 8.06
C VAL C 26 -19.95 7.09 9.41
N ASP C 27 -18.66 7.44 9.44
CA ASP C 27 -17.91 7.43 10.67
C ASP C 27 -16.63 8.21 10.50
N VAL C 28 -16.05 8.60 11.62
CA VAL C 28 -14.77 9.29 11.64
C VAL C 28 -14.04 8.88 12.90
N MET C 29 -12.75 8.59 12.78
CA MET C 29 -11.91 8.38 13.94
C MET C 29 -11.01 9.59 14.05
N GLY C 30 -11.16 10.27 15.17
CA GLY C 30 -10.27 11.31 15.53
C GLY C 30 -10.69 12.67 15.05
N ASN C 31 -9.78 13.61 15.22
CA ASN C 31 -10.01 14.98 14.80
C ASN C 31 -8.65 15.59 14.66
N ASP C 32 -8.56 16.92 14.56
CA ASP C 32 -7.28 17.57 14.38
C ASP C 32 -6.28 17.17 15.44
N LEU C 33 -6.75 17.02 16.68
CA LEU C 33 -5.84 16.70 17.77
C LEU C 33 -5.25 15.29 17.67
N SER C 34 -5.89 14.39 16.92
CA SER C 34 -5.32 13.04 16.66
C SER C 34 -4.00 13.12 15.93
N ALA C 35 -3.89 14.06 15.00
CA ALA C 35 -2.63 14.30 14.30
C ALA C 35 -1.59 14.91 15.21
N VAL C 36 -2.01 15.83 16.07
CA VAL C 36 -1.09 16.44 17.03
C VAL C 36 -0.52 15.41 18.00
N ARG C 37 -1.39 14.57 18.55
CA ARG C 37 -0.99 13.53 19.49
C ARG C 37 -0.02 12.56 18.85
N ALA C 38 -0.33 12.15 17.62
CA ALA C 38 0.55 11.23 16.89
C ALA C 38 1.90 11.86 16.62
N ALA C 39 1.92 13.14 16.21
CA ALA C 39 3.20 13.82 15.94
C ALA C 39 4.07 13.90 17.17
N ARG C 40 3.45 14.22 18.30
CA ARG C 40 4.17 14.31 19.57
C ARG C 40 4.37 12.96 20.23
N VAL C 41 3.71 11.93 19.74
CA VAL C 41 3.68 10.60 20.36
C VAL C 41 3.31 10.74 21.84
N SER C 42 2.18 11.37 22.09
CA SER C 42 1.77 11.63 23.43
C SER C 42 0.27 11.43 23.52
N PHE C 43 -0.15 10.45 24.31
CA PHE C 43 -1.56 10.23 24.59
C PHE C 43 -1.84 10.90 25.93
N ASP C 44 -2.09 12.21 25.91
CA ASP C 44 -1.97 13.02 27.10
C ASP C 44 -2.69 14.34 26.93
N LEU C 47 -2.83 17.73 28.30
CA LEU C 47 -1.81 18.74 28.04
C LEU C 47 -2.17 19.62 26.81
N LYS C 48 -3.46 19.85 26.60
CA LYS C 48 -3.94 20.56 25.45
C LYS C 48 -3.60 22.08 25.51
N ASP C 49 -3.24 22.66 24.37
CA ASP C 49 -2.89 24.08 24.23
C ASP C 49 -3.22 24.52 22.82
N GLU C 50 -4.31 25.24 22.69
CA GLU C 50 -4.93 25.45 21.40
C GLU C 50 -4.05 26.14 20.37
N GLU C 51 -3.42 27.24 20.77
CA GLU C 51 -2.56 27.99 19.88
C GLU C 51 -1.33 27.19 19.47
N ARG C 52 -0.72 26.45 20.40
CA ARG C 52 0.47 25.67 20.06
C ARG C 52 0.07 24.46 19.18
N ASP C 53 -1.07 23.85 19.49
CA ASP C 53 -1.56 22.69 18.73
C ASP C 53 -1.88 23.09 17.27
N ARG C 54 -2.60 24.19 17.09
CA ARG C 54 -2.89 24.71 15.79
C ARG C 54 -1.63 25.13 15.05
N HIS C 55 -0.66 25.71 15.75
CA HIS C 55 0.60 26.02 15.14
C HIS C 55 1.36 24.76 14.66
N LEU C 56 1.30 23.68 15.43
CA LEU C 56 1.94 22.43 15.04
C LEU C 56 1.31 21.86 13.75
N ILE C 57 0.00 21.89 13.66
CA ILE C 57 -0.68 21.44 12.44
C ILE C 57 -0.21 22.23 11.22
N GLU C 58 -0.12 23.55 11.33
CA GLU C 58 0.40 24.38 10.23
C GLU C 58 1.84 24.08 9.90
N TYR C 59 2.64 23.90 10.92
CA TYR C 59 4.03 23.55 10.76
C TYR C 59 4.21 22.23 9.98
N LEU C 60 3.47 21.20 10.38
CA LEU C 60 3.57 19.90 9.73
C LEU C 60 3.21 20.04 8.26
N MET C 61 2.11 20.73 8.01
CA MET C 61 1.59 20.90 6.65
C MET C 61 2.61 21.70 5.81
N LYS C 62 3.12 22.78 6.36
CA LYS C 62 4.05 23.64 5.63
C LYS C 62 5.32 22.94 5.25
N HIS C 63 5.84 22.07 6.13
CA HIS C 63 7.08 21.36 5.84
C HIS C 63 6.90 19.99 5.26
N GLY C 64 5.69 19.61 4.91
CA GLY C 64 5.46 18.31 4.32
C GLY C 64 5.62 17.12 5.25
N HIS C 65 5.43 17.32 6.55
CA HIS C 65 5.44 16.21 7.48
C HIS C 65 4.00 15.64 7.54
N GLU C 66 3.68 14.76 6.62
CA GLU C 66 2.29 14.34 6.40
C GLU C 66 1.87 13.09 7.18
N THR C 67 2.82 12.29 7.68
CA THR C 67 2.44 11.01 8.32
C THR C 67 1.51 11.16 9.55
N PRO C 68 1.61 12.26 10.32
CA PRO C 68 0.65 12.37 11.44
C PRO C 68 -0.81 12.43 11.03
N PHE C 69 -1.09 12.90 9.82
CA PHE C 69 -2.45 12.97 9.31
C PHE C 69 -3.04 11.60 8.95
N GLU C 70 -2.20 10.57 8.90
CA GLU C 70 -2.70 9.23 8.63
C GLU C 70 -3.52 8.68 9.81
N HIS C 71 -3.42 9.32 10.97
CA HIS C 71 -4.12 8.83 12.16
C HIS C 71 -5.52 9.40 12.30
N ILE C 72 -5.95 10.18 11.32
CA ILE C 72 -7.35 10.59 11.20
C ILE C 72 -7.93 9.77 10.08
N VAL C 73 -9.07 9.14 10.33
CA VAL C 73 -9.69 8.25 9.35
C VAL C 73 -11.18 8.54 9.20
N PHE C 74 -11.68 8.46 7.96
CA PHE C 74 -13.08 8.64 7.60
C PHE C 74 -13.65 7.43 6.92
N THR C 75 -14.94 7.16 7.15
CA THR C 75 -15.71 6.24 6.33
C THR C 75 -16.89 7.01 5.69
N PHE C 76 -16.97 6.92 4.37
CA PHE C 76 -18.05 7.49 3.60
C PHE C 76 -18.83 6.40 2.93
N HIS C 77 -20.09 6.71 2.66
CA HIS C 77 -20.97 5.95 1.80
C HIS C 77 -21.31 6.80 0.60
N VAL C 78 -20.97 6.31 -0.60
CA VAL C 78 -21.03 7.07 -1.83
C VAL C 78 -21.90 6.39 -2.87
N LYS C 79 -22.70 7.18 -3.54
CA LYS C 79 -23.52 6.70 -4.65
C LYS C 79 -23.14 7.53 -5.85
N ALA C 80 -22.62 6.86 -6.86
CA ALA C 80 -22.03 7.52 -8.01
C ALA C 80 -22.12 6.67 -9.26
N PRO C 81 -22.11 7.30 -10.43
CA PRO C 81 -22.09 6.52 -11.67
C PRO C 81 -20.79 5.72 -11.82
N ILE C 82 -20.87 4.59 -12.48
CA ILE C 82 -19.72 3.74 -12.63
C ILE C 82 -18.51 4.48 -13.24
N PHE C 83 -18.69 5.37 -14.21
CA PHE C 83 -17.54 6.04 -14.79
C PHE C 83 -16.82 6.94 -13.77
N VAL C 84 -17.57 7.49 -12.80
CA VAL C 84 -16.96 8.23 -11.69
C VAL C 84 -16.28 7.26 -10.71
N ALA C 85 -16.98 6.19 -10.37
CA ALA C 85 -16.40 5.22 -9.47
C ALA C 85 -15.07 4.63 -10.00
N ARG C 86 -14.97 4.41 -11.31
N ARG C 86 -14.97 4.41 -11.31
CA ARG C 86 -13.73 3.88 -11.90
CA ARG C 86 -13.73 3.87 -11.88
C ARG C 86 -12.55 4.83 -11.66
C ARG C 86 -12.55 4.83 -11.66
N GLN C 87 -12.80 6.13 -11.76
CA GLN C 87 -11.76 7.11 -11.45
C GLN C 87 -11.40 7.10 -9.96
N TRP C 88 -12.44 7.06 -9.13
CA TRP C 88 -12.28 7.08 -7.67
C TRP C 88 -11.47 5.89 -7.18
N PHE C 89 -11.78 4.70 -7.72
CA PHE C 89 -11.19 3.46 -7.28
C PHE C 89 -9.72 3.34 -7.73
N ARG C 90 -9.22 4.28 -8.53
CA ARG C 90 -7.79 4.36 -8.79
C ARG C 90 -6.97 4.77 -7.59
N HIS C 91 -7.62 5.34 -6.58
CA HIS C 91 -6.94 5.70 -5.32
C HIS C 91 -6.77 4.47 -4.46
N ARG C 92 -5.58 3.90 -4.52
CA ARG C 92 -5.30 2.59 -3.94
C ARG C 92 -5.14 2.62 -2.44
N ILE C 93 -4.74 3.78 -1.88
CA ILE C 93 -4.45 3.85 -0.45
C ILE C 93 -5.76 4.22 0.29
N ALA C 94 -6.62 3.21 0.38
CA ALA C 94 -7.95 3.34 0.90
C ALA C 94 -8.59 1.94 0.86
N SER C 95 -9.79 1.83 1.43
CA SER C 95 -10.57 0.59 1.43
C SER C 95 -11.92 0.83 0.80
N TYR C 96 -12.37 -0.14 0.02
CA TYR C 96 -13.58 -0.02 -0.75
C TYR C 96 -14.43 -1.26 -0.57
N ASN C 97 -15.73 -1.09 -0.43
CA ASN C 97 -16.68 -2.20 -0.60
C ASN C 97 -17.83 -1.71 -1.41
N GLU C 98 -18.08 -2.39 -2.52
CA GLU C 98 -19.07 -1.96 -3.50
C GLU C 98 -20.19 -2.99 -3.63
N LEU C 99 -21.38 -2.54 -4.02
CA LEU C 99 -22.44 -3.47 -4.49
C LEU C 99 -21.95 -4.43 -5.56
N SER C 100 -22.44 -5.66 -5.55
CA SER C 100 -22.05 -6.68 -6.56
C SER C 100 -22.90 -6.62 -7.82
N GLY C 101 -22.25 -6.36 -8.95
CA GLY C 101 -22.92 -6.48 -10.26
C GLY C 101 -23.37 -7.90 -10.62
N ARG C 102 -22.73 -8.88 -10.01
CA ARG C 102 -23.05 -10.28 -10.24
C ARG C 102 -24.22 -10.76 -9.38
N TYR C 103 -24.34 -10.23 -8.16
CA TYR C 103 -25.30 -10.77 -7.20
C TYR C 103 -26.23 -9.78 -6.51
N SER C 104 -25.91 -8.49 -6.52
CA SER C 104 -26.70 -7.53 -5.72
C SER C 104 -27.91 -7.07 -6.51
N LYS C 105 -28.97 -6.78 -5.76
CA LYS C 105 -30.09 -5.99 -6.25
C LYS C 105 -29.62 -4.58 -6.56
N LEU C 106 -29.99 -4.05 -7.71
CA LEU C 106 -29.70 -2.64 -8.00
C LEU C 106 -31.01 -1.87 -8.16
N SER C 107 -30.92 -0.56 -8.07
CA SER C 107 -32.06 0.33 -8.25
C SER C 107 -32.19 0.70 -9.73
N TYR C 108 -31.16 0.43 -10.52
CA TYR C 108 -31.14 0.78 -11.92
C TYR C 108 -31.51 2.25 -12.15
N GLU C 109 -30.62 3.12 -11.70
CA GLU C 109 -30.70 4.54 -11.99
C GLU C 109 -29.46 4.90 -12.76
N PHE C 110 -29.59 5.95 -13.57
CA PHE C 110 -28.58 6.34 -14.51
C PHE C 110 -28.36 7.85 -14.46
N TYR C 111 -27.11 8.28 -14.59
CA TYR C 111 -26.77 9.70 -14.58
C TYR C 111 -27.09 10.25 -15.94
N ILE C 112 -28.02 11.20 -15.98
CA ILE C 112 -28.39 11.89 -17.21
C ILE C 112 -27.89 13.30 -17.04
N PRO C 113 -26.92 13.72 -17.85
CA PRO C 113 -26.41 15.07 -17.66
C PRO C 113 -27.48 16.12 -17.94
N SER C 114 -27.44 17.21 -17.20
CA SER C 114 -28.35 18.30 -17.41
C SER C 114 -27.91 19.05 -18.67
N PRO C 115 -28.84 19.78 -19.31
CA PRO C 115 -28.44 20.61 -20.45
C PRO C 115 -27.31 21.58 -20.15
N GLU C 116 -27.25 22.10 -18.93
CA GLU C 116 -26.18 23.02 -18.50
C GLU C 116 -24.78 22.40 -18.57
N ARG C 117 -24.70 21.08 -18.39
CA ARG C 117 -23.42 20.36 -18.50
C ARG C 117 -22.70 20.60 -19.84
N LEU C 118 -23.46 20.87 -20.89
CA LEU C 118 -22.89 21.01 -22.26
C LEU C 118 -22.75 22.46 -22.71
N GLU C 119 -23.66 23.30 -22.23
CA GLU C 119 -23.50 24.74 -22.30
C GLU C 119 -22.02 25.05 -22.01
N GLY C 120 -21.36 25.70 -22.95
CA GLY C 120 -19.89 25.85 -22.92
C GLY C 120 -19.24 25.21 -24.15
N TYR C 121 -19.93 24.25 -24.75
CA TYR C 121 -19.48 23.58 -25.97
C TYR C 121 -20.37 23.97 -27.13
N LYS C 122 -19.74 24.27 -28.25
CA LYS C 122 -20.49 24.51 -29.47
C LYS C 122 -21.01 23.17 -30.02
N THR C 123 -22.29 22.86 -29.76
CA THR C 123 -22.93 21.65 -30.30
C THR C 123 -23.90 21.98 -31.44
N THR C 124 -24.00 21.07 -32.40
CA THR C 124 -24.87 21.26 -33.55
C THR C 124 -26.32 20.88 -33.27
N ILE C 125 -26.61 20.33 -32.08
CA ILE C 125 -27.99 20.15 -31.64
C ILE C 125 -28.17 20.81 -30.28
N PRO C 126 -29.41 21.20 -29.94
CA PRO C 126 -29.61 21.82 -28.63
C PRO C 126 -29.25 20.91 -27.45
N PRO C 127 -28.64 21.46 -26.39
CA PRO C 127 -28.30 20.69 -25.19
C PRO C 127 -29.43 19.80 -24.67
N GLU C 128 -30.67 20.28 -24.76
CA GLU C 128 -31.84 19.54 -24.31
C GLU C 128 -32.03 18.25 -25.09
N ARG C 129 -31.69 18.29 -26.37
CA ARG C 129 -31.77 17.13 -27.25
C ARG C 129 -30.69 16.08 -26.94
N VAL C 130 -29.50 16.53 -26.57
CA VAL C 130 -28.45 15.62 -26.13
C VAL C 130 -28.94 14.84 -24.91
N THR C 131 -29.47 15.55 -23.92
CA THR C 131 -30.05 14.95 -22.72
C THR C 131 -31.09 13.89 -23.06
N GLU C 132 -31.96 14.22 -24.01
CA GLU C 132 -33.01 13.29 -24.43
C GLU C 132 -32.46 12.04 -25.05
N LYS C 133 -31.50 12.20 -25.97
CA LYS C 133 -30.87 11.06 -26.62
C LYS C 133 -30.17 10.12 -25.63
N ILE C 134 -29.58 10.71 -24.59
CA ILE C 134 -28.94 9.92 -23.56
C ILE C 134 -30.00 9.12 -22.82
N SER C 135 -31.07 9.79 -22.40
CA SER C 135 -32.20 9.12 -21.73
C SER C 135 -32.76 7.96 -22.56
N GLU C 136 -32.88 8.16 -23.87
CA GLU C 136 -33.44 7.15 -24.79
C GLU C 136 -32.59 5.89 -24.86
N ILE C 137 -31.30 6.06 -25.11
CA ILE C 137 -30.39 4.92 -25.22
C ILE C 137 -30.26 4.17 -23.89
N VAL C 138 -30.31 4.88 -22.76
CA VAL C 138 -30.31 4.21 -21.45
C VAL C 138 -31.56 3.37 -21.29
N ASP C 139 -32.72 3.92 -21.67
CA ASP C 139 -33.96 3.17 -21.58
C ASP C 139 -33.91 1.89 -22.45
N LYS C 140 -33.44 2.01 -23.67
CA LYS C 140 -33.29 0.86 -24.56
C LYS C 140 -32.36 -0.19 -23.96
N ALA C 141 -31.20 0.25 -23.46
CA ALA C 141 -30.26 -0.69 -22.82
C ALA C 141 -30.92 -1.37 -21.66
N TYR C 142 -31.60 -0.61 -20.82
CA TYR C 142 -32.24 -1.17 -19.64
C TYR C 142 -33.32 -2.19 -20.01
N ARG C 143 -34.10 -1.89 -21.04
CA ARG C 143 -35.15 -2.81 -21.50
C ARG C 143 -34.56 -4.07 -22.09
N THR C 144 -33.51 -3.95 -22.91
CA THR C 144 -32.80 -5.15 -23.36
C THR C 144 -32.33 -6.00 -22.20
N TYR C 145 -31.80 -5.33 -21.18
CA TYR C 145 -31.33 -6.01 -19.99
C TYR C 145 -32.45 -6.81 -19.33
N LEU C 146 -33.60 -6.19 -19.15
CA LEU C 146 -34.73 -6.88 -18.50
C LEU C 146 -35.19 -8.10 -19.31
N GLU C 147 -35.21 -7.96 -20.63
CA GLU C 147 -35.55 -9.08 -21.50
C GLU C 147 -34.57 -10.23 -21.34
N LEU C 148 -33.27 -9.93 -21.30
CA LEU C 148 -32.28 -10.96 -21.03
C LEU C 148 -32.51 -11.63 -19.68
N ILE C 149 -32.74 -10.84 -18.63
CA ILE C 149 -32.99 -11.39 -17.32
C ILE C 149 -34.24 -12.30 -17.33
N GLU C 150 -35.30 -11.83 -17.96
CA GLU C 150 -36.58 -12.57 -18.04
C GLU C 150 -36.43 -13.89 -18.74
N SER C 151 -35.55 -13.95 -19.73
CA SER C 151 -35.29 -15.18 -20.45
C SER C 151 -34.25 -16.10 -19.79
N GLY C 152 -33.82 -15.79 -18.56
CA GLY C 152 -32.94 -16.69 -17.78
C GLY C 152 -31.45 -16.45 -17.90
N VAL C 153 -31.03 -15.37 -18.55
CA VAL C 153 -29.61 -15.04 -18.59
C VAL C 153 -29.20 -14.54 -17.18
N PRO C 154 -28.13 -15.10 -16.59
CA PRO C 154 -27.72 -14.61 -15.28
C PRO C 154 -27.26 -13.13 -15.29
N ARG C 155 -27.42 -12.47 -14.14
CA ARG C 155 -27.11 -11.03 -14.03
C ARG C 155 -25.67 -10.70 -14.43
N GLU C 156 -24.72 -11.56 -14.10
CA GLU C 156 -23.32 -11.26 -14.37
C GLU C 156 -23.02 -11.18 -15.84
N VAL C 157 -23.88 -11.79 -16.66
CA VAL C 157 -23.77 -11.63 -18.12
C VAL C 157 -24.70 -10.53 -18.65
N ALA C 158 -25.96 -10.55 -18.22
CA ALA C 158 -26.95 -9.59 -18.73
C ALA C 158 -26.56 -8.11 -18.48
N ARG C 159 -25.96 -7.85 -17.34
CA ARG C 159 -25.63 -6.48 -16.95
C ARG C 159 -24.55 -5.83 -17.81
N ILE C 160 -23.86 -6.62 -18.63
CA ILE C 160 -22.78 -6.05 -19.40
C ILE C 160 -23.27 -5.13 -20.50
N VAL C 161 -24.58 -5.18 -20.81
CA VAL C 161 -25.14 -4.25 -21.80
C VAL C 161 -25.54 -2.91 -21.18
N LEU C 162 -25.51 -2.79 -19.86
CA LEU C 162 -25.86 -1.53 -19.24
C LEU C 162 -24.74 -0.49 -19.43
N PRO C 163 -25.12 0.79 -19.58
CA PRO C 163 -24.12 1.80 -19.82
C PRO C 163 -23.32 2.25 -18.59
N LEU C 164 -22.25 2.97 -18.86
CA LEU C 164 -21.30 3.42 -17.83
C LEU C 164 -21.87 4.47 -16.87
N ASN C 165 -23.04 5.03 -17.20
CA ASN C 165 -23.66 6.01 -16.33
C ASN C 165 -24.57 5.39 -15.30
N LEU C 166 -24.64 4.07 -15.26
CA LEU C 166 -25.36 3.36 -14.20
C LEU C 166 -24.78 3.75 -12.81
N TYR C 167 -25.64 4.05 -11.86
CA TYR C 167 -25.21 4.32 -10.50
C TYR C 167 -24.87 3.05 -9.74
N THR C 168 -23.80 3.13 -8.94
CA THR C 168 -23.44 2.09 -8.01
C THR C 168 -23.25 2.76 -6.65
N ARG C 169 -23.07 1.95 -5.62
CA ARG C 169 -22.78 2.44 -4.26
C ARG C 169 -21.63 1.71 -3.65
N PHE C 170 -20.88 2.43 -2.84
CA PHE C 170 -19.77 1.86 -2.10
C PHE C 170 -19.49 2.53 -0.79
N PHE C 171 -18.83 1.80 0.09
CA PHE C 171 -18.21 2.34 1.27
C PHE C 171 -16.75 2.59 0.97
N TRP C 172 -16.23 3.69 1.50
CA TRP C 172 -14.88 4.17 1.29
C TRP C 172 -14.30 4.56 2.63
N THR C 173 -13.27 3.85 3.07
CA THR C 173 -12.56 4.24 4.28
C THR C 173 -11.17 4.73 3.87
N VAL C 174 -10.82 5.91 4.37
CA VAL C 174 -9.65 6.62 3.89
C VAL C 174 -9.11 7.52 4.99
N ASN C 175 -7.78 7.56 5.12
CA ASN C 175 -7.17 8.46 6.10
C ASN C 175 -6.97 9.85 5.53
N ALA C 176 -6.71 10.82 6.41
CA ALA C 176 -6.70 12.22 6.00
C ALA C 176 -5.56 12.54 5.04
N ARG C 177 -4.44 11.83 5.15
CA ARG C 177 -3.34 12.03 4.22
C ARG C 177 -3.78 11.61 2.82
N SER C 178 -4.35 10.43 2.69
CA SER C 178 -4.75 9.95 1.41
C SER C 178 -5.94 10.79 0.87
N LEU C 179 -6.79 11.25 1.78
CA LEU C 179 -7.91 12.12 1.43
C LEU C 179 -7.41 13.43 0.82
N MET C 180 -6.35 13.98 1.40
CA MET C 180 -5.76 15.22 0.87
C MET C 180 -5.16 15.01 -0.53
N ASN C 181 -4.54 13.85 -0.76
CA ASN C 181 -4.12 13.47 -2.12
C ASN C 181 -5.29 13.42 -3.08
N PHE C 182 -6.38 12.77 -2.66
CA PHE C 182 -7.60 12.73 -3.44
C PHE C 182 -8.11 14.15 -3.80
N LEU C 183 -8.14 15.03 -2.82
CA LEU C 183 -8.59 16.40 -3.08
C LEU C 183 -7.63 17.16 -4.01
N ASN C 184 -6.32 17.00 -3.82
CA ASN C 184 -5.37 17.63 -4.73
C ASN C 184 -5.66 17.26 -6.17
N LEU C 185 -6.00 16.00 -6.40
CA LEU C 185 -6.15 15.47 -7.76
C LEU C 185 -7.56 15.63 -8.33
N ARG C 186 -8.57 15.50 -7.48
CA ARG C 186 -9.96 15.49 -7.94
C ARG C 186 -10.74 16.79 -7.68
N ALA C 187 -10.34 17.58 -6.70
CA ALA C 187 -10.91 18.91 -6.51
C ALA C 187 -10.05 19.89 -7.29
N ASP C 188 -10.14 19.75 -8.60
CA ASP C 188 -9.26 20.43 -9.48
C ASP C 188 -9.92 20.47 -10.85
N SER C 189 -9.74 21.58 -11.57
CA SER C 189 -10.36 21.76 -12.87
C SER C 189 -9.89 20.77 -13.94
N HIS C 190 -8.73 20.11 -13.78
CA HIS C 190 -8.32 19.04 -14.73
C HIS C 190 -9.06 17.72 -14.56
N ALA C 191 -9.62 17.52 -13.38
CA ALA C 191 -10.45 16.33 -13.16
C ALA C 191 -11.76 16.53 -13.88
N GLN C 192 -12.41 15.42 -14.21
CA GLN C 192 -13.70 15.49 -14.85
C GLN C 192 -14.71 16.19 -13.94
N TRP C 193 -15.56 17.03 -14.54
CA TRP C 193 -16.52 17.86 -13.79
C TRP C 193 -17.31 17.02 -12.81
N GLU C 194 -17.77 15.84 -13.23
CA GLU C 194 -18.57 15.00 -12.36
C GLU C 194 -17.84 14.61 -11.09
N ILE C 195 -16.57 14.19 -11.19
CA ILE C 195 -15.88 13.83 -9.95
C ILE C 195 -15.48 15.05 -9.13
N GLN C 196 -15.24 16.19 -9.77
CA GLN C 196 -15.05 17.44 -8.99
C GLN C 196 -16.18 17.68 -8.02
N GLN C 197 -17.41 17.41 -8.47
CA GLN C 197 -18.59 17.67 -7.63
C GLN C 197 -18.55 16.80 -6.39
N TYR C 198 -18.18 15.53 -6.57
CA TYR C 198 -17.96 14.64 -5.43
C TYR C 198 -16.84 15.10 -4.50
N ALA C 199 -15.74 15.55 -5.08
CA ALA C 199 -14.60 15.98 -4.29
C ALA C 199 -14.95 17.23 -3.44
N LEU C 200 -15.77 18.13 -3.98
CA LEU C 200 -16.20 19.29 -3.21
C LEU C 200 -16.99 18.87 -1.98
N ALA C 201 -17.85 17.87 -2.13
CA ALA C 201 -18.61 17.34 -1.00
C ALA C 201 -17.71 16.66 0.03
N ILE C 202 -16.73 15.90 -0.45
CA ILE C 202 -15.77 15.29 0.47
C ILE C 202 -15.05 16.41 1.24
N ALA C 203 -14.68 17.48 0.55
CA ALA C 203 -13.94 18.56 1.18
C ALA C 203 -14.78 19.21 2.26
N ARG C 204 -16.07 19.38 1.98
CA ARG C 204 -16.98 20.00 2.95
C ARG C 204 -17.04 19.20 4.23
N ILE C 205 -17.11 17.88 4.11
CA ILE C 205 -17.16 17.03 5.27
C ILE C 205 -15.85 17.05 6.03
N PHE C 206 -14.75 17.01 5.29
CA PHE C 206 -13.40 17.06 5.86
C PHE C 206 -13.21 18.36 6.67
N LYS C 207 -13.61 19.47 6.07
CA LYS C 207 -13.55 20.77 6.73
C LYS C 207 -14.37 20.80 8.05
N GLU C 208 -15.58 20.26 8.00
CA GLU C 208 -16.44 20.19 9.17
C GLU C 208 -15.78 19.38 10.30
N LYS C 209 -15.13 18.27 9.98
CA LYS C 209 -14.57 17.42 11.01
C LYS C 209 -13.16 17.75 11.44
N CYS C 210 -12.37 18.33 10.53
CA CYS C 210 -10.97 18.65 10.83
C CYS C 210 -10.66 20.05 10.31
N PRO C 211 -11.25 21.08 10.95
CA PRO C 211 -11.13 22.43 10.42
C PRO C 211 -9.71 22.93 10.39
N TRP C 212 -8.89 22.61 11.38
CA TRP C 212 -7.53 23.14 11.41
C TRP C 212 -6.69 22.49 10.32
N THR C 213 -6.86 21.18 10.16
CA THR C 213 -6.12 20.45 9.15
C THR C 213 -6.54 20.94 7.78
N PHE C 214 -7.84 21.10 7.57
CA PHE C 214 -8.33 21.58 6.28
C PHE C 214 -7.79 22.96 5.92
N GLU C 215 -7.82 23.90 6.88
CA GLU C 215 -7.37 25.24 6.61
C GLU C 215 -5.86 25.25 6.35
N ALA C 216 -5.09 24.49 7.12
CA ALA C 216 -3.66 24.40 6.88
C ALA C 216 -3.35 23.79 5.51
N PHE C 217 -4.12 22.77 5.16
CA PHE C 217 -4.00 22.11 3.86
C PHE C 217 -4.21 23.13 2.74
N LEU C 218 -5.29 23.88 2.79
CA LEU C 218 -5.54 24.89 1.76
C LEU C 218 -4.41 25.91 1.68
N LYS C 219 -3.92 26.32 2.83
CA LYS C 219 -2.94 27.39 2.92
C LYS C 219 -1.59 26.94 2.44
N TYR C 220 -1.16 25.71 2.76
CA TYR C 220 0.21 25.31 2.49
C TYR C 220 0.44 24.19 1.49
N ALA C 221 -0.52 23.27 1.33
CA ALA C 221 -0.26 22.02 0.61
C ALA C 221 -1.18 21.75 -0.56
N TYR C 222 -2.36 22.37 -0.60
CA TYR C 222 -3.32 22.09 -1.62
C TYR C 222 -2.82 22.59 -2.97
N LYS C 223 -2.77 21.68 -3.94
CA LYS C 223 -2.22 21.93 -5.28
C LYS C 223 -3.28 22.25 -6.33
N GLY C 224 -4.56 22.00 -6.03
CA GLY C 224 -5.62 22.22 -6.99
C GLY C 224 -6.05 23.66 -7.07
N ASP C 225 -7.11 23.94 -7.82
CA ASP C 225 -7.61 25.32 -7.98
C ASP C 225 -8.98 25.58 -7.33
N ILE C 226 -9.93 24.68 -7.51
CA ILE C 226 -11.31 24.96 -7.12
C ILE C 226 -11.53 25.26 -5.60
N LEU C 227 -10.82 24.60 -4.68
CA LEU C 227 -11.18 24.77 -3.27
C LEU C 227 -10.71 26.15 -2.71
N LYS C 228 -9.79 26.82 -3.39
CA LYS C 228 -9.43 28.18 -2.99
C LYS C 228 -10.51 29.21 -3.36
N GLU C 229 -11.46 28.82 -4.20
CA GLU C 229 -12.54 29.70 -4.69
C GLU C 229 -13.87 29.45 -4.03
N VAL C 230 -14.17 28.19 -3.76
CA VAL C 230 -15.55 27.78 -3.52
C VAL C 230 -16.05 27.99 -2.08
N GLN C 231 -15.40 27.42 -1.08
CA GLN C 231 -15.90 27.47 0.33
C GLN C 231 -16.85 26.33 0.61
N MET D 13 5.44 -12.94 -25.62
CA MET D 13 4.26 -13.76 -25.26
C MET D 13 2.98 -12.94 -25.26
N LYS D 14 2.05 -13.37 -26.08
CA LYS D 14 0.77 -12.75 -26.19
C LYS D 14 -0.31 -13.81 -26.32
N ILE D 15 -1.28 -13.78 -25.42
CA ILE D 15 -2.31 -14.78 -25.40
C ILE D 15 -3.65 -14.10 -25.62
N ASP D 16 -4.40 -14.61 -26.58
CA ASP D 16 -5.74 -14.09 -26.86
C ASP D 16 -6.75 -14.62 -25.88
N ILE D 17 -7.68 -13.76 -25.49
CA ILE D 17 -8.68 -14.06 -24.48
C ILE D 17 -10.02 -13.52 -24.94
N LEU D 18 -11.09 -14.26 -24.66
CA LEU D 18 -12.44 -13.85 -25.06
C LEU D 18 -12.46 -13.66 -26.57
N ASP D 19 -13.29 -12.77 -27.11
CA ASP D 19 -13.36 -12.61 -28.54
C ASP D 19 -12.33 -11.63 -29.12
N LYS D 20 -11.94 -10.58 -28.40
CA LYS D 20 -10.98 -9.62 -28.90
C LYS D 20 -9.90 -9.21 -27.88
N GLY D 21 -9.90 -9.86 -26.73
CA GLY D 21 -9.00 -9.49 -25.62
C GLY D 21 -7.65 -10.15 -25.74
N PHE D 22 -6.71 -9.71 -24.91
CA PHE D 22 -5.41 -10.34 -24.85
C PHE D 22 -4.68 -10.00 -23.57
N VAL D 23 -3.68 -10.81 -23.28
CA VAL D 23 -2.69 -10.51 -22.30
C VAL D 23 -1.34 -10.68 -22.98
N GLU D 24 -0.53 -9.65 -22.89
CA GLU D 24 0.79 -9.61 -23.50
C GLU D 24 1.82 -9.31 -22.41
N LEU D 25 2.91 -10.07 -22.39
CA LEU D 25 4.01 -9.76 -21.48
C LEU D 25 4.90 -8.65 -22.03
N VAL D 26 5.07 -7.58 -21.26
CA VAL D 26 5.85 -6.45 -21.69
C VAL D 26 7.28 -6.57 -21.16
N ASP D 27 7.42 -7.01 -19.91
CA ASP D 27 8.74 -7.03 -19.26
C ASP D 27 8.67 -7.86 -17.99
N VAL D 28 9.82 -8.31 -17.54
CA VAL D 28 9.91 -9.08 -16.31
C VAL D 28 11.25 -8.76 -15.68
N MET D 29 11.25 -8.51 -14.38
CA MET D 29 12.50 -8.38 -13.65
C MET D 29 12.66 -9.62 -12.84
N GLY D 30 13.75 -10.31 -13.15
CA GLY D 30 14.17 -11.43 -12.35
C GLY D 30 13.59 -12.74 -12.80
N ASN D 31 13.79 -13.75 -11.99
CA ASN D 31 13.29 -15.07 -12.25
C ASN D 31 13.27 -15.76 -10.91
N ASP D 32 13.11 -17.08 -10.90
CA ASP D 32 13.04 -17.81 -9.65
C ASP D 32 14.23 -17.51 -8.74
N LEU D 33 15.40 -17.32 -9.34
CA LEU D 33 16.60 -17.09 -8.53
C LEU D 33 16.61 -15.72 -7.84
N SER D 34 15.82 -14.77 -8.34
CA SER D 34 15.68 -13.47 -7.66
C SER D 34 15.10 -13.64 -6.25
N ALA D 35 14.14 -14.56 -6.10
CA ALA D 35 13.54 -14.83 -4.80
C ALA D 35 14.56 -15.54 -3.92
N VAL D 36 15.34 -16.44 -4.50
CA VAL D 36 16.40 -17.16 -3.76
C VAL D 36 17.46 -16.18 -3.24
N ARG D 37 17.90 -15.29 -4.11
CA ARG D 37 18.90 -14.27 -3.72
C ARG D 37 18.38 -13.38 -2.61
N ALA D 38 17.15 -12.92 -2.73
CA ALA D 38 16.55 -12.05 -1.73
C ALA D 38 16.40 -12.77 -0.40
N ALA D 39 15.98 -14.03 -0.42
CA ALA D 39 15.83 -14.82 0.80
C ALA D 39 17.17 -15.04 1.51
N ARG D 40 18.21 -15.31 0.73
CA ARG D 40 19.56 -15.48 1.28
C ARG D 40 20.28 -14.15 1.50
N VAL D 41 19.72 -13.05 0.99
CA VAL D 41 20.39 -11.75 0.98
C VAL D 41 21.82 -11.84 0.40
N SER D 42 21.93 -12.35 -0.84
CA SER D 42 23.18 -12.33 -1.67
C SER D 42 22.84 -12.87 -3.04
N ASP D 49 24.16 -24.77 -7.71
CA ASP D 49 23.46 -25.99 -7.34
C ASP D 49 21.96 -25.72 -7.37
N GLU D 50 21.33 -26.27 -8.37
CA GLU D 50 19.97 -26.03 -8.76
C GLU D 50 19.02 -26.72 -7.81
N GLU D 51 19.44 -27.86 -7.30
CA GLU D 51 18.63 -28.64 -6.38
C GLU D 51 18.39 -27.94 -5.06
N ARG D 52 19.42 -27.28 -4.52
CA ARG D 52 19.26 -26.59 -3.24
C ARG D 52 18.41 -25.32 -3.42
N ASP D 53 18.58 -24.65 -4.55
CA ASP D 53 17.81 -23.43 -4.87
C ASP D 53 16.32 -23.74 -5.08
N ARG D 54 16.04 -24.77 -5.86
CA ARG D 54 14.67 -25.24 -6.01
C ARG D 54 14.05 -25.72 -4.68
N HIS D 55 14.85 -26.37 -3.84
CA HIS D 55 14.37 -26.76 -2.54
C HIS D 55 14.04 -25.55 -1.65
N LEU D 56 14.85 -24.50 -1.74
CA LEU D 56 14.58 -23.29 -0.96
C LEU D 56 13.24 -22.66 -1.40
N ILE D 57 13.00 -22.60 -2.68
CA ILE D 57 11.71 -22.03 -3.17
C ILE D 57 10.53 -22.81 -2.60
N GLU D 58 10.61 -24.14 -2.61
CA GLU D 58 9.55 -24.94 -2.01
C GLU D 58 9.40 -24.73 -0.54
N TYR D 59 10.53 -24.66 0.15
CA TYR D 59 10.54 -24.38 1.59
C TYR D 59 9.82 -23.05 1.93
N LEU D 60 10.17 -21.99 1.20
CA LEU D 60 9.55 -20.66 1.45
C LEU D 60 8.04 -20.76 1.28
N MET D 61 7.64 -21.40 0.19
CA MET D 61 6.24 -21.46 -0.17
C MET D 61 5.48 -22.30 0.85
N LYS D 62 6.06 -23.44 1.22
CA LYS D 62 5.43 -24.31 2.21
C LYS D 62 5.24 -23.68 3.58
N HIS D 63 6.19 -22.88 4.02
CA HIS D 63 6.08 -22.22 5.31
C HIS D 63 5.52 -20.80 5.28
N GLY D 64 5.05 -20.34 4.14
CA GLY D 64 4.44 -19.01 4.07
C GLY D 64 5.42 -17.86 4.18
N HIS D 65 6.68 -18.10 3.81
CA HIS D 65 7.64 -17.03 3.77
C HIS D 65 7.52 -16.38 2.38
N GLU D 66 6.59 -15.43 2.25
CA GLU D 66 6.21 -14.89 0.94
C GLU D 66 6.98 -13.63 0.50
N THR D 67 7.60 -12.91 1.41
CA THR D 67 8.25 -11.65 1.03
C THR D 67 9.35 -11.79 -0.05
N PRO D 68 10.11 -12.92 -0.08
CA PRO D 68 11.12 -12.99 -1.15
C PRO D 68 10.56 -12.95 -2.58
N PHE D 69 9.31 -13.38 -2.74
CA PHE D 69 8.65 -13.36 -4.04
C PHE D 69 8.26 -11.95 -4.51
N GLU D 70 8.34 -10.97 -3.61
CA GLU D 70 8.10 -9.58 -4.01
C GLU D 70 9.21 -9.02 -4.92
N HIS D 71 10.34 -9.71 -5.00
CA HIS D 71 11.48 -9.23 -5.77
C HIS D 71 11.47 -9.74 -7.20
N ILE D 72 10.42 -10.45 -7.56
CA ILE D 72 10.12 -10.78 -8.95
C ILE D 72 8.97 -9.90 -9.40
N VAL D 73 9.13 -9.20 -10.52
CA VAL D 73 8.14 -8.23 -10.97
C VAL D 73 7.84 -8.44 -12.47
N PHE D 74 6.56 -8.30 -12.83
CA PHE D 74 6.07 -8.40 -14.20
C PHE D 74 5.40 -7.12 -14.65
N THR D 75 5.52 -6.79 -15.93
CA THR D 75 4.65 -5.82 -16.58
C THR D 75 3.89 -6.53 -17.70
N PHE D 76 2.56 -6.41 -17.65
CA PHE D 76 1.68 -6.90 -18.67
C PHE D 76 0.95 -5.78 -19.36
N HIS D 77 0.55 -6.03 -20.60
CA HIS D 77 -0.33 -5.18 -21.38
C HIS D 77 -1.59 -6.01 -21.63
N VAL D 78 -2.73 -5.48 -21.18
CA VAL D 78 -3.98 -6.23 -21.15
C VAL D 78 -5.06 -5.48 -21.89
N LYS D 79 -5.82 -6.23 -22.70
CA LYS D 79 -6.99 -5.70 -23.37
C LYS D 79 -8.15 -6.49 -22.86
N ALA D 80 -9.05 -5.83 -22.17
CA ALA D 80 -10.18 -6.49 -21.52
C ALA D 80 -11.40 -5.60 -21.49
N PRO D 81 -12.61 -6.20 -21.38
CA PRO D 81 -13.81 -5.39 -21.26
C PRO D 81 -13.81 -4.64 -19.92
N ILE D 82 -14.45 -3.47 -19.89
CA ILE D 82 -14.47 -2.67 -18.69
C ILE D 82 -14.96 -3.46 -17.47
N PHE D 83 -15.98 -4.31 -17.60
CA PHE D 83 -16.50 -4.98 -16.41
C PHE D 83 -15.44 -5.93 -15.80
N VAL D 84 -14.56 -6.47 -16.66
CA VAL D 84 -13.44 -7.28 -16.18
C VAL D 84 -12.37 -6.37 -15.58
N ALA D 85 -12.06 -5.28 -16.27
CA ALA D 85 -11.06 -4.33 -15.73
C ALA D 85 -11.44 -3.79 -14.35
N ARG D 86 -12.74 -3.55 -14.11
N ARG D 86 -12.72 -3.56 -14.13
CA ARG D 86 -13.19 -3.05 -12.80
CA ARG D 86 -13.19 -3.08 -12.83
C ARG D 86 -12.87 -4.04 -11.70
C ARG D 86 -12.86 -4.04 -11.72
N GLN D 87 -13.02 -5.33 -11.99
CA GLN D 87 -12.68 -6.36 -10.99
C GLN D 87 -11.16 -6.37 -10.77
N TRP D 88 -10.44 -6.35 -11.89
CA TRP D 88 -8.98 -6.45 -11.88
C TRP D 88 -8.34 -5.31 -11.10
N PHE D 89 -8.87 -4.10 -11.32
CA PHE D 89 -8.33 -2.89 -10.69
C PHE D 89 -8.62 -2.82 -9.20
N ARG D 90 -9.42 -3.73 -8.66
CA ARG D 90 -9.57 -3.83 -7.21
C ARG D 90 -8.29 -4.31 -6.52
N HIS D 91 -7.37 -4.91 -7.28
CA HIS D 91 -6.07 -5.34 -6.73
C HIS D 91 -5.17 -4.17 -6.57
N ARG D 92 -5.14 -3.64 -5.35
CA ARG D 92 -4.48 -2.36 -5.07
C ARG D 92 -2.95 -2.45 -5.02
N ILE D 93 -2.40 -3.63 -4.75
CA ILE D 93 -0.95 -3.75 -4.61
C ILE D 93 -0.34 -4.09 -5.98
N ALA D 94 -0.29 -3.06 -6.79
CA ALA D 94 0.09 -3.15 -8.22
C ALA D 94 0.00 -1.74 -8.79
N SER D 95 0.49 -1.58 -10.01
CA SER D 95 0.46 -0.31 -10.72
C SER D 95 -0.27 -0.45 -12.04
N TYR D 96 -1.07 0.56 -12.38
CA TYR D 96 -1.93 0.51 -13.53
C TYR D 96 -1.78 1.79 -14.33
N ASN D 97 -1.79 1.68 -15.65
CA ASN D 97 -2.03 2.82 -16.53
C ASN D 97 -2.95 2.41 -17.66
N GLU D 98 -4.07 3.10 -17.77
CA GLU D 98 -5.14 2.72 -18.66
C GLU D 98 -5.37 3.81 -19.71
N LEU D 99 -5.86 3.40 -20.88
CA LEU D 99 -6.37 4.39 -21.87
C LEU D 99 -7.34 5.36 -21.25
N SER D 100 -7.32 6.61 -21.69
CA SER D 100 -8.21 7.66 -21.16
C SER D 100 -9.56 7.67 -21.87
N GLY D 101 -10.64 7.44 -21.14
CA GLY D 101 -11.98 7.59 -21.69
C GLY D 101 -12.29 9.02 -22.08
N ARG D 102 -11.58 9.97 -21.48
CA ARG D 102 -11.80 11.38 -21.70
C ARG D 102 -11.05 11.88 -22.93
N TYR D 103 -9.87 11.32 -23.19
CA TYR D 103 -9.01 11.85 -24.21
C TYR D 103 -8.49 10.87 -25.26
N SER D 104 -8.51 9.57 -24.98
CA SER D 104 -7.80 8.63 -25.87
C SER D 104 -8.69 8.24 -27.02
N LYS D 105 -8.05 7.98 -28.15
CA LYS D 105 -8.64 7.26 -29.28
C LYS D 105 -8.95 5.82 -28.85
N LEU D 106 -10.17 5.33 -29.10
CA LEU D 106 -10.49 3.92 -28.82
C LEU D 106 -10.81 3.21 -30.13
N SER D 107 -10.74 1.88 -30.10
CA SER D 107 -11.07 1.06 -31.26
C SER D 107 -12.57 0.75 -31.29
N TYR D 108 -13.25 0.99 -30.17
CA TYR D 108 -14.65 0.66 -30.04
C TYR D 108 -14.94 -0.78 -30.45
N GLU D 109 -14.47 -1.71 -29.65
CA GLU D 109 -14.82 -3.10 -29.75
C GLU D 109 -15.50 -3.50 -28.46
N PHE D 110 -16.33 -4.53 -28.54
CA PHE D 110 -17.19 -4.92 -27.45
C PHE D 110 -17.14 -6.43 -27.29
N TYR D 111 -17.15 -6.90 -26.05
CA TYR D 111 -17.20 -8.32 -25.78
C TYR D 111 -18.60 -8.85 -25.98
N ILE D 112 -18.74 -9.75 -26.94
CA ILE D 112 -20.02 -10.41 -27.21
C ILE D 112 -19.87 -11.86 -26.78
N PRO D 113 -20.58 -12.29 -25.74
CA PRO D 113 -20.38 -13.64 -25.30
C PRO D 113 -20.77 -14.64 -26.38
N SER D 114 -20.07 -15.75 -26.42
CA SER D 114 -20.41 -16.81 -27.34
C SER D 114 -21.64 -17.53 -26.81
N PRO D 115 -22.38 -18.23 -27.69
CA PRO D 115 -23.50 -19.03 -27.23
C PRO D 115 -23.12 -20.05 -26.16
N GLU D 116 -21.91 -20.59 -26.24
CA GLU D 116 -21.43 -21.58 -25.26
C GLU D 116 -21.34 -21.00 -23.84
N ARG D 117 -21.12 -19.70 -23.71
CA ARG D 117 -21.12 -19.03 -22.42
C ARG D 117 -22.39 -19.25 -21.59
N LEU D 118 -23.52 -19.47 -22.25
CA LEU D 118 -24.83 -19.63 -21.57
C LEU D 118 -25.23 -21.08 -21.37
N GLU D 119 -24.68 -21.95 -22.20
CA GLU D 119 -24.77 -23.38 -21.99
C GLU D 119 -24.53 -23.68 -20.51
N GLY D 120 -25.47 -24.35 -19.86
CA GLY D 120 -25.44 -24.53 -18.41
C GLY D 120 -26.63 -23.89 -17.74
N TYR D 121 -27.22 -22.89 -18.40
CA TYR D 121 -28.37 -22.16 -17.89
C TYR D 121 -29.59 -22.50 -18.71
N LYS D 122 -30.69 -22.74 -18.02
CA LYS D 122 -31.97 -22.96 -18.68
C LYS D 122 -32.50 -21.60 -19.12
N THR D 123 -32.32 -21.27 -20.41
CA THR D 123 -32.88 -20.05 -20.98
C THR D 123 -34.11 -20.32 -21.85
N THR D 124 -35.04 -19.37 -21.87
CA THR D 124 -36.27 -19.51 -22.65
C THR D 124 -36.10 -19.06 -24.10
N ILE D 125 -34.93 -18.55 -24.46
CA ILE D 125 -34.59 -18.32 -25.87
C ILE D 125 -33.26 -19.00 -26.18
N PRO D 126 -33.03 -19.37 -27.45
CA PRO D 126 -31.77 -20.03 -27.78
C PRO D 126 -30.53 -19.14 -27.49
N PRO D 127 -29.44 -19.75 -26.98
CA PRO D 127 -28.19 -19.02 -26.70
C PRO D 127 -27.74 -18.08 -27.83
N GLU D 128 -27.95 -18.51 -29.08
CA GLU D 128 -27.57 -17.73 -30.26
C GLU D 128 -28.34 -16.43 -30.33
N ARG D 129 -29.58 -16.46 -29.87
CA ARG D 129 -30.42 -15.29 -29.84
C ARG D 129 -30.02 -14.27 -28.76
N VAL D 130 -29.57 -14.78 -27.62
CA VAL D 130 -29.02 -13.92 -26.57
C VAL D 130 -27.82 -13.15 -27.11
N THR D 131 -26.89 -13.87 -27.74
CA THR D 131 -25.72 -13.29 -28.40
C THR D 131 -26.11 -12.19 -29.37
N GLU D 132 -27.13 -12.45 -30.18
CA GLU D 132 -27.61 -11.47 -31.15
C GLU D 132 -28.15 -10.22 -30.49
N LYS D 133 -29.00 -10.40 -29.48
CA LYS D 133 -29.59 -9.26 -28.76
C LYS D 133 -28.52 -8.37 -28.09
N ILE D 134 -27.45 -8.99 -27.61
CA ILE D 134 -26.33 -8.26 -27.04
C ILE D 134 -25.66 -7.44 -28.14
N SER D 135 -25.35 -8.08 -29.27
CA SER D 135 -24.77 -7.39 -30.42
C SER D 135 -25.60 -6.20 -30.88
N GLU D 136 -26.93 -6.37 -30.89
CA GLU D 136 -27.84 -5.31 -31.32
C GLU D 136 -27.79 -4.08 -30.43
N ILE D 137 -27.95 -4.29 -29.13
CA ILE D 137 -27.95 -3.18 -28.19
C ILE D 137 -26.57 -2.46 -28.17
N VAL D 138 -25.47 -3.19 -28.32
CA VAL D 138 -24.17 -2.50 -28.38
C VAL D 138 -24.07 -1.67 -29.63
N ASP D 139 -24.57 -2.19 -30.75
CA ASP D 139 -24.56 -1.39 -31.98
C ASP D 139 -25.40 -0.10 -31.84
N LYS D 140 -26.57 -0.21 -31.27
CA LYS D 140 -27.40 0.98 -31.00
C LYS D 140 -26.68 1.99 -30.10
N ALA D 141 -26.11 1.51 -28.99
CA ALA D 141 -25.36 2.39 -28.07
C ALA D 141 -24.22 3.05 -28.81
N TYR D 142 -23.49 2.28 -29.60
CA TYR D 142 -22.35 2.82 -30.33
C TYR D 142 -22.75 3.88 -31.37
N ARG D 143 -23.87 3.64 -32.04
CA ARG D 143 -24.38 4.61 -33.00
C ARG D 143 -24.85 5.88 -32.31
N THR D 144 -25.58 5.76 -31.20
CA THR D 144 -25.95 6.94 -30.42
C THR D 144 -24.71 7.72 -30.01
N TYR D 145 -23.68 6.99 -29.60
CA TYR D 145 -22.43 7.63 -29.23
C TYR D 145 -21.83 8.45 -30.39
N LEU D 146 -21.76 7.85 -31.58
CA LEU D 146 -21.19 8.56 -32.73
C LEU D 146 -21.99 9.80 -33.07
N GLU D 147 -23.31 9.70 -32.98
CA GLU D 147 -24.16 10.87 -33.21
C GLU D 147 -23.86 11.99 -32.21
N LEU D 148 -23.73 11.64 -30.93
CA LEU D 148 -23.34 12.63 -29.90
C LEU D 148 -22.00 13.26 -30.24
N ILE D 149 -21.01 12.44 -30.58
CA ILE D 149 -19.69 12.97 -30.95
C ILE D 149 -19.77 13.90 -32.16
N GLU D 150 -20.49 13.49 -33.19
CA GLU D 150 -20.65 14.27 -34.42
C GLU D 150 -21.29 15.62 -34.17
N SER D 151 -22.21 15.67 -33.22
CA SER D 151 -22.85 16.93 -32.87
C SER D 151 -22.05 17.78 -31.87
N GLY D 152 -20.80 17.41 -31.56
CA GLY D 152 -19.92 18.23 -30.70
C GLY D 152 -19.91 17.94 -29.20
N VAL D 153 -20.57 16.87 -28.76
CA VAL D 153 -20.55 16.50 -27.34
C VAL D 153 -19.15 15.95 -27.04
N PRO D 154 -18.47 16.47 -26.01
CA PRO D 154 -17.11 15.95 -25.76
C PRO D 154 -17.14 14.47 -25.36
N ARG D 155 -16.06 13.78 -25.67
CA ARG D 155 -15.94 12.36 -25.39
C ARG D 155 -16.21 11.99 -23.95
N GLU D 156 -15.74 12.81 -23.01
CA GLU D 156 -15.87 12.47 -21.60
C GLU D 156 -17.33 12.39 -21.18
N VAL D 157 -18.22 13.01 -21.95
CA VAL D 157 -19.66 12.92 -21.70
C VAL D 157 -20.30 11.88 -22.60
N ALA D 158 -19.99 11.93 -23.88
CA ALA D 158 -20.62 11.04 -24.87
C ALA D 158 -20.40 9.56 -24.56
N ARG D 159 -19.20 9.25 -24.05
CA ARG D 159 -18.84 7.83 -23.79
C ARG D 159 -19.62 7.17 -22.66
N ILE D 160 -20.34 7.98 -21.87
CA ILE D 160 -21.06 7.39 -20.75
C ILE D 160 -22.25 6.54 -21.17
N VAL D 161 -22.67 6.63 -22.44
CA VAL D 161 -23.73 5.76 -22.95
C VAL D 161 -23.22 4.42 -23.43
N LEU D 162 -21.90 4.24 -23.52
CA LEU D 162 -21.37 2.98 -23.99
C LEU D 162 -21.47 1.90 -22.91
N PRO D 163 -21.70 0.66 -23.34
CA PRO D 163 -21.92 -0.38 -22.35
C PRO D 163 -20.65 -0.91 -21.67
N LEU D 164 -20.85 -1.62 -20.58
CA LEU D 164 -19.76 -2.15 -19.76
C LEU D 164 -18.92 -3.22 -20.45
N ASN D 165 -19.36 -3.73 -21.60
CA ASN D 165 -18.58 -4.71 -22.35
C ASN D 165 -17.62 -4.10 -23.36
N LEU D 166 -17.56 -2.78 -23.41
CA LEU D 166 -16.52 -2.10 -24.15
C LEU D 166 -15.11 -2.54 -23.74
N TYR D 167 -14.24 -2.80 -24.70
CA TYR D 167 -12.84 -3.15 -24.41
C TYR D 167 -11.99 -1.92 -24.11
N THR D 168 -11.14 -2.03 -23.11
CA THR D 168 -10.15 -1.01 -22.79
C THR D 168 -8.81 -1.70 -22.78
N ARG D 169 -7.74 -0.92 -22.63
CA ARG D 169 -6.39 -1.46 -22.50
C ARG D 169 -5.65 -0.81 -21.36
N PHE D 170 -4.78 -1.58 -20.72
CA PHE D 170 -3.96 -1.05 -19.67
C PHE D 170 -2.64 -1.78 -19.54
N PHE D 171 -1.69 -1.09 -18.93
CA PHE D 171 -0.46 -1.70 -18.42
C PHE D 171 -0.68 -2.03 -16.94
N TRP D 172 -0.14 -3.17 -16.53
CA TRP D 172 -0.20 -3.67 -15.17
C TRP D 172 1.20 -4.11 -14.74
N THR D 173 1.75 -3.47 -13.73
CA THR D 173 2.99 -3.91 -13.13
C THR D 173 2.71 -4.44 -11.74
N VAL D 174 3.22 -5.64 -11.47
CA VAL D 174 2.80 -6.40 -10.30
C VAL D 174 3.91 -7.37 -9.91
N ASN D 175 4.15 -7.54 -8.59
CA ASN D 175 5.16 -8.47 -8.15
C ASN D 175 4.58 -9.84 -7.96
N ALA D 176 5.44 -10.85 -7.86
CA ALA D 176 4.97 -12.23 -7.87
C ALA D 176 4.12 -12.57 -6.64
N ARG D 177 4.37 -11.95 -5.51
CA ARG D 177 3.55 -12.18 -4.32
C ARG D 177 2.10 -11.68 -4.54
N SER D 178 1.97 -10.45 -5.04
CA SER D 178 0.65 -9.91 -5.34
C SER D 178 0.00 -10.67 -6.49
N LEU D 179 0.79 -11.13 -7.45
CA LEU D 179 0.30 -11.94 -8.56
C LEU D 179 -0.27 -13.25 -8.08
N MET D 180 0.37 -13.88 -7.11
CA MET D 180 -0.15 -15.12 -6.53
C MET D 180 -1.47 -14.88 -5.79
N ASN D 181 -1.61 -13.75 -5.11
CA ASN D 181 -2.91 -13.34 -4.52
C ASN D 181 -3.97 -13.19 -5.60
N PHE D 182 -3.62 -12.54 -6.70
CA PHE D 182 -4.53 -12.41 -7.83
C PHE D 182 -4.97 -13.78 -8.36
N LEU D 183 -4.02 -14.71 -8.52
CA LEU D 183 -4.36 -16.04 -9.03
C LEU D 183 -5.22 -16.81 -8.00
N ASN D 184 -4.92 -16.70 -6.70
CA ASN D 184 -5.76 -17.32 -5.68
C ASN D 184 -7.22 -16.91 -5.81
N LEU D 185 -7.45 -15.63 -6.10
CA LEU D 185 -8.79 -15.08 -6.09
C LEU D 185 -9.48 -15.18 -7.44
N ARG D 186 -8.73 -15.00 -8.53
CA ARG D 186 -9.30 -14.91 -9.86
C ARG D 186 -9.17 -16.17 -10.70
N ALA D 187 -8.16 -16.98 -10.46
CA ALA D 187 -8.09 -18.31 -11.09
C ALA D 187 -8.82 -19.27 -10.16
N ASP D 188 -10.13 -19.11 -10.13
CA ASP D 188 -10.94 -19.80 -9.19
C ASP D 188 -12.36 -19.77 -9.68
N SER D 189 -13.10 -20.84 -9.43
CA SER D 189 -14.46 -20.97 -9.96
C SER D 189 -15.45 -19.96 -9.39
N HIS D 190 -15.17 -19.37 -8.22
CA HIS D 190 -16.04 -18.29 -7.71
C HIS D 190 -15.88 -16.96 -8.43
N ALA D 191 -14.76 -16.77 -9.09
CA ALA D 191 -14.55 -15.58 -9.88
C ALA D 191 -15.39 -15.69 -11.14
N GLN D 192 -15.73 -14.56 -11.72
CA GLN D 192 -16.52 -14.55 -12.93
C GLN D 192 -15.75 -15.24 -14.06
N TRP D 193 -16.46 -16.00 -14.88
CA TRP D 193 -15.81 -16.81 -15.92
C TRP D 193 -14.88 -15.98 -16.80
N GLU D 194 -15.31 -14.80 -17.19
CA GLU D 194 -14.49 -13.95 -18.03
C GLU D 194 -13.15 -13.61 -17.39
N ILE D 195 -13.11 -13.27 -16.10
CA ILE D 195 -11.79 -12.95 -15.50
C ILE D 195 -10.98 -14.20 -15.21
N GLN D 196 -11.64 -15.34 -14.97
CA GLN D 196 -10.92 -16.62 -14.92
C GLN D 196 -10.07 -16.85 -16.14
N GLN D 197 -10.61 -16.54 -17.32
CA GLN D 197 -9.88 -16.72 -18.57
C GLN D 197 -8.61 -15.88 -18.60
N TYR D 198 -8.70 -14.64 -18.16
CA TYR D 198 -7.53 -13.79 -18.05
C TYR D 198 -6.53 -14.33 -17.04
N ALA D 199 -7.01 -14.79 -15.90
CA ALA D 199 -6.14 -15.32 -14.87
C ALA D 199 -5.37 -16.56 -15.36
N LEU D 200 -6.01 -17.38 -16.18
CA LEU D 200 -5.33 -18.56 -16.75
C LEU D 200 -4.18 -18.14 -17.63
N ALA D 201 -4.37 -17.10 -18.43
CA ALA D 201 -3.29 -16.57 -19.24
C ALA D 201 -2.15 -15.95 -18.40
N ILE D 202 -2.50 -15.20 -17.36
CA ILE D 202 -1.50 -14.67 -16.45
C ILE D 202 -0.70 -15.85 -15.85
N ALA D 203 -1.40 -16.89 -15.44
CA ALA D 203 -0.74 -18.07 -14.86
C ALA D 203 0.22 -18.74 -15.85
N ARG D 204 -0.18 -18.82 -17.10
CA ARG D 204 0.67 -19.41 -18.13
C ARG D 204 1.96 -18.65 -18.31
N ILE D 205 1.87 -17.32 -18.31
CA ILE D 205 3.06 -16.51 -18.45
C ILE D 205 3.95 -16.64 -17.21
N PHE D 206 3.32 -16.62 -16.04
CA PHE D 206 4.02 -16.74 -14.77
C PHE D 206 4.80 -18.07 -14.77
N LYS D 207 4.12 -19.14 -15.15
CA LYS D 207 4.72 -20.46 -15.20
C LYS D 207 5.94 -20.50 -16.16
N GLU D 208 5.81 -19.88 -17.32
CA GLU D 208 6.89 -19.81 -18.28
C GLU D 208 8.10 -19.05 -17.72
N LYS D 209 7.89 -17.97 -16.99
CA LYS D 209 9.01 -17.18 -16.50
C LYS D 209 9.56 -17.63 -15.15
N CYS D 210 8.72 -18.22 -14.30
CA CYS D 210 9.13 -18.61 -12.97
C CYS D 210 8.61 -20.00 -12.68
N PRO D 211 9.12 -21.01 -13.42
CA PRO D 211 8.57 -22.36 -13.32
C PRO D 211 8.64 -22.95 -11.91
N TRP D 212 9.73 -22.70 -11.20
CA TRP D 212 9.88 -23.28 -9.86
C TRP D 212 8.93 -22.63 -8.86
N THR D 213 8.81 -21.31 -8.93
CA THR D 213 7.87 -20.61 -8.07
C THR D 213 6.46 -21.06 -8.35
N PHE D 214 6.13 -21.17 -9.64
CA PHE D 214 4.78 -21.53 -10.02
C PHE D 214 4.41 -22.91 -9.52
N GLU D 215 5.32 -23.86 -9.72
CA GLU D 215 5.04 -25.24 -9.30
C GLU D 215 4.94 -25.33 -7.77
N ALA D 216 5.82 -24.66 -7.06
CA ALA D 216 5.74 -24.61 -5.60
C ALA D 216 4.43 -23.95 -5.10
N PHE D 217 4.03 -22.87 -5.77
CA PHE D 217 2.78 -22.22 -5.49
C PHE D 217 1.63 -23.20 -5.61
N LEU D 218 1.53 -23.88 -6.74
CA LEU D 218 0.43 -24.83 -6.92
C LEU D 218 0.42 -25.89 -5.84
N LYS D 219 1.61 -26.38 -5.51
CA LYS D 219 1.73 -27.49 -4.58
C LYS D 219 1.44 -27.11 -3.15
N TYR D 220 1.87 -25.93 -2.71
CA TYR D 220 1.78 -25.59 -1.28
C TYR D 220 0.86 -24.43 -0.89
N ALA D 221 0.62 -23.46 -1.78
CA ALA D 221 -0.03 -22.19 -1.40
C ALA D 221 -1.27 -21.82 -2.19
N TYR D 222 -1.46 -22.38 -3.37
CA TYR D 222 -2.59 -22.01 -4.20
C TYR D 222 -3.91 -22.47 -3.58
N LYS D 223 -4.83 -21.52 -3.39
CA LYS D 223 -6.11 -21.73 -2.72
C LYS D 223 -7.28 -21.94 -3.68
N GLY D 224 -7.08 -21.66 -4.96
CA GLY D 224 -8.15 -21.78 -5.93
C GLY D 224 -8.32 -23.21 -6.39
N ASP D 225 -9.17 -23.44 -7.38
CA ASP D 225 -9.40 -24.78 -7.90
C ASP D 225 -8.90 -24.98 -9.35
N ILE D 226 -9.17 -24.04 -10.25
CA ILE D 226 -8.97 -24.30 -11.68
C ILE D 226 -7.53 -24.59 -12.11
N LEU D 227 -6.51 -24.02 -11.47
CA LEU D 227 -5.15 -24.22 -11.98
C LEU D 227 -4.61 -25.63 -11.64
N LYS D 228 -5.23 -26.34 -10.70
CA LYS D 228 -4.83 -27.74 -10.46
C LYS D 228 -5.39 -28.69 -11.51
N GLU D 229 -6.33 -28.20 -12.31
CA GLU D 229 -7.05 -29.00 -13.30
C GLU D 229 -6.56 -28.72 -14.71
N VAL D 230 -6.22 -27.46 -14.97
CA VAL D 230 -6.00 -26.97 -16.31
C VAL D 230 -4.50 -26.84 -16.45
N GLN D 231 -3.90 -27.52 -17.41
CA GLN D 231 -2.46 -27.38 -17.68
C GLN D 231 -2.05 -25.94 -17.97
#